data_5ITS
#
_entry.id   5ITS
#
_cell.length_a   113.506
_cell.length_b   130.501
_cell.length_c   140.512
_cell.angle_alpha   90.000
_cell.angle_beta   90.000
_cell.angle_gamma   90.000
#
_symmetry.space_group_name_H-M   'I 2 2 2'
#
loop_
_entity.id
_entity.type
_entity.pdbx_description
1 polymer "Cytokinin riboside 5'-monophosphate phosphoribohydrolase"
2 non-polymer 'PHOSPHATE ION'
3 non-polymer GLYCEROL
4 water water
#
_entity_poly.entity_id   1
_entity_poly.type   'polypeptide(L)'
_entity_poly.pdbx_seq_one_letter_code
;MTSLFDAPTLQRVTVFTGSALGSSSLYTQAAQTLAKTAVDRGIDLVYGGGKVGLMGIVADAFLESGGEAFGVITESLMKG
ELGHEKLTELEIVPDMHIRKRRMAELGDGFIAMPGGAGTLEELFEVWTWQQLGIHQKPVALYDVDGFWQPLLEMLEQMTQ
RGFIKRDFFECLIVESDPHALLKAMQTWTPPAPKWLEHHHHHH
;
_entity_poly.pdbx_strand_id   A,B,C,D
#
loop_
_chem_comp.id
_chem_comp.type
_chem_comp.name
_chem_comp.formula
GOL non-polymer GLYCEROL 'C3 H8 O3'
PO4 non-polymer 'PHOSPHATE ION' 'O4 P -3'
#
# COMPACT_ATOMS: atom_id res chain seq x y z
N THR A 9 32.78 -22.21 18.83
CA THR A 9 31.53 -22.99 18.80
C THR A 9 30.23 -22.17 18.55
N LEU A 10 29.18 -22.87 18.14
CA LEU A 10 27.84 -22.35 17.99
C LEU A 10 27.08 -22.20 19.29
N GLN A 11 26.89 -20.99 19.77
CA GLN A 11 26.04 -20.75 20.92
C GLN A 11 24.68 -20.13 20.61
N ARG A 12 24.63 -19.21 19.67
CA ARG A 12 23.34 -18.64 19.24
C ARG A 12 23.27 -18.90 17.75
N VAL A 13 22.12 -19.29 17.24
CA VAL A 13 21.92 -19.37 15.81
C VAL A 13 20.78 -18.43 15.34
N THR A 14 21.06 -17.63 14.29
CA THR A 14 20.12 -16.75 13.68
C THR A 14 19.28 -17.55 12.68
N VAL A 15 17.95 -17.50 12.83
CA VAL A 15 17.03 -18.25 11.98
C VAL A 15 16.14 -17.32 11.17
N PHE A 16 16.07 -17.57 9.87
CA PHE A 16 15.25 -16.82 8.95
C PHE A 16 14.15 -17.78 8.47
N THR A 17 12.92 -17.34 8.59
CA THR A 17 11.79 -18.20 8.27
C THR A 17 10.57 -17.39 8.04
N GLY A 18 9.57 -18.00 7.44
CA GLY A 18 8.43 -17.30 6.93
C GLY A 18 7.54 -16.66 7.98
N SER A 19 6.95 -15.53 7.58
CA SER A 19 5.98 -14.79 8.38
C SER A 19 4.59 -15.40 8.33
N ALA A 20 4.39 -16.39 7.45
CA ALA A 20 3.17 -17.21 7.30
C ALA A 20 3.47 -18.61 7.70
N LEU A 21 2.46 -19.45 7.84
CA LEU A 21 2.65 -20.85 8.24
C LEU A 21 2.90 -21.81 7.10
N GLY A 22 2.47 -21.42 5.91
CA GLY A 22 2.58 -22.31 4.75
C GLY A 22 1.37 -23.23 4.74
N SER A 23 1.18 -23.91 3.63
CA SER A 23 -0.04 -24.63 3.30
C SER A 23 -0.05 -26.03 3.90
N SER A 24 0.95 -26.40 4.67
CA SER A 24 1.03 -27.74 5.22
C SER A 24 1.60 -27.65 6.60
N SER A 25 1.11 -28.50 7.49
CA SER A 25 1.59 -28.44 8.85
C SER A 25 3.00 -29.06 9.00
N LEU A 26 3.51 -29.71 7.96
CA LEU A 26 4.86 -30.21 8.01
C LEU A 26 5.83 -29.12 8.43
N TYR A 27 5.65 -27.89 7.94
CA TYR A 27 6.67 -26.85 8.23
C TYR A 27 6.71 -26.48 9.71
N THR A 28 5.54 -26.37 10.31
CA THR A 28 5.42 -26.14 11.74
C THR A 28 6.15 -27.20 12.52
N GLN A 29 6.00 -28.44 12.10
CA GLN A 29 6.59 -29.49 12.86
C GLN A 29 8.06 -29.53 12.75
N ALA A 30 8.58 -29.31 11.54
CA ALA A 30 10.00 -29.27 11.33
C ALA A 30 10.62 -28.13 12.09
N ALA A 31 9.92 -27.02 12.10
CA ALA A 31 10.37 -25.88 12.86
C ALA A 31 10.42 -26.23 14.33
N GLN A 32 9.45 -27.01 14.83
CA GLN A 32 9.49 -27.40 16.26
C GLN A 32 10.59 -28.35 16.60
N THR A 33 10.72 -29.39 15.81
CA THR A 33 11.81 -30.34 15.92
C THR A 33 13.23 -29.74 15.81
N LEU A 34 13.42 -28.81 14.89
CA LEU A 34 14.68 -28.10 14.82
C LEU A 34 14.99 -27.34 16.13
N ALA A 35 13.99 -26.61 16.67
CA ALA A 35 14.21 -25.87 17.90
C ALA A 35 14.61 -26.78 19.04
N LYS A 36 13.94 -27.91 19.17
CA LYS A 36 14.35 -28.88 20.20
C LYS A 36 15.80 -29.36 20.04
N THR A 37 16.17 -29.63 18.81
CA THR A 37 17.46 -30.17 18.53
C THR A 37 18.50 -29.13 18.91
N ALA A 38 18.21 -27.88 18.58
CA ALA A 38 19.16 -26.84 18.86
C ALA A 38 19.27 -26.61 20.35
N VAL A 39 18.16 -26.60 21.09
CA VAL A 39 18.21 -26.47 22.55
C VAL A 39 19.01 -27.56 23.27
N ASP A 40 18.78 -28.80 22.87
CA ASP A 40 19.63 -29.90 23.27
C ASP A 40 21.10 -29.67 23.03
N ARG A 41 21.45 -29.01 21.92
CA ARG A 41 22.85 -28.66 21.69
C ARG A 41 23.36 -27.48 22.48
N GLY A 42 22.49 -26.88 23.26
CA GLY A 42 22.86 -25.71 24.05
C GLY A 42 22.75 -24.43 23.27
N ILE A 43 22.04 -24.47 22.14
CA ILE A 43 22.03 -23.34 21.25
C ILE A 43 20.77 -22.47 21.43
N ASP A 44 20.96 -21.17 21.59
CA ASP A 44 19.86 -20.24 21.65
C ASP A 44 19.47 -19.62 20.31
N LEU A 45 18.22 -19.14 20.24
CA LEU A 45 17.64 -18.58 19.02
C LEU A 45 17.86 -17.10 18.92
N VAL A 46 18.31 -16.63 17.77
CA VAL A 46 18.25 -15.23 17.39
C VAL A 46 17.38 -15.11 16.16
N TYR A 47 16.40 -14.21 16.14
CA TYR A 47 15.50 -14.10 15.01
C TYR A 47 14.85 -12.74 15.01
N GLY A 48 14.03 -12.47 14.00
CA GLY A 48 13.49 -11.15 13.79
C GLY A 48 12.31 -10.78 14.67
N GLY A 49 12.03 -11.56 15.70
CA GLY A 49 11.16 -11.09 16.77
C GLY A 49 9.65 -11.18 16.58
N GLY A 50 9.19 -11.89 15.57
CA GLY A 50 7.73 -11.97 15.26
C GLY A 50 6.96 -13.13 15.90
N LYS A 51 5.64 -12.99 15.95
CA LYS A 51 4.78 -14.04 16.52
C LYS A 51 3.92 -14.69 15.48
N VAL A 52 4.05 -14.26 14.25
CA VAL A 52 3.18 -14.76 13.22
C VAL A 52 3.94 -15.83 12.45
N GLY A 53 3.20 -16.69 11.77
CA GLY A 53 3.79 -17.74 10.94
C GLY A 53 4.85 -18.56 11.63
N LEU A 54 5.74 -19.11 10.85
CA LEU A 54 6.83 -19.91 11.39
C LEU A 54 7.75 -19.17 12.34
N MET A 55 7.88 -17.86 12.23
CA MET A 55 8.62 -17.11 13.24
C MET A 55 8.13 -17.41 14.65
N GLY A 56 6.81 -17.31 14.84
CA GLY A 56 6.16 -17.56 16.12
C GLY A 56 6.30 -19.00 16.56
N ILE A 57 6.13 -19.89 15.60
CA ILE A 57 6.29 -21.29 15.86
C ILE A 57 7.67 -21.63 16.40
N VAL A 58 8.73 -21.13 15.75
CA VAL A 58 10.08 -21.50 16.14
C VAL A 58 10.42 -20.85 17.46
N ALA A 59 9.97 -19.63 17.72
CA ALA A 59 10.32 -18.96 18.98
C ALA A 59 9.61 -19.62 20.13
N ASP A 60 8.37 -20.02 19.91
CA ASP A 60 7.62 -20.72 20.96
C ASP A 60 8.31 -21.98 21.28
N ALA A 61 8.71 -22.70 20.23
CA ALA A 61 9.32 -24.01 20.41
C ALA A 61 10.62 -23.99 21.14
N PHE A 62 11.43 -22.94 20.95
CA PHE A 62 12.70 -22.83 21.68
C PHE A 62 12.41 -22.57 23.18
N LEU A 63 11.42 -21.72 23.43
CA LEU A 63 11.04 -21.38 24.79
C LEU A 63 10.42 -22.54 25.57
N GLU A 64 9.48 -23.20 24.92
CA GLU A 64 8.80 -24.32 25.51
C GLU A 64 9.71 -25.53 25.74
N SER A 65 10.86 -25.57 25.05
CA SER A 65 11.79 -26.69 25.16
C SER A 65 12.90 -26.45 26.19
N GLY A 66 12.89 -25.29 26.82
CA GLY A 66 13.84 -25.01 27.84
C GLY A 66 14.89 -24.02 27.41
N GLY A 67 14.84 -23.55 26.17
CA GLY A 67 15.86 -22.65 25.62
C GLY A 67 15.44 -21.19 25.65
N GLU A 68 16.30 -20.33 25.13
CA GLU A 68 16.08 -18.89 25.12
C GLU A 68 15.94 -18.41 23.72
N ALA A 69 15.16 -17.35 23.55
CA ALA A 69 14.95 -16.75 22.24
C ALA A 69 15.12 -15.26 22.33
N PHE A 70 16.01 -14.70 21.50
CA PHE A 70 16.23 -13.26 21.41
C PHE A 70 15.69 -12.69 20.08
N GLY A 71 14.81 -11.70 20.16
CA GLY A 71 14.27 -11.07 18.95
C GLY A 71 14.86 -9.70 18.68
N VAL A 72 14.98 -9.36 17.41
CA VAL A 72 15.38 -8.05 16.97
C VAL A 72 14.27 -7.62 15.98
N ILE A 73 13.58 -6.53 16.29
CA ILE A 73 12.40 -6.16 15.46
C ILE A 73 12.42 -4.66 15.25
N THR A 74 11.85 -4.15 14.15
CA THR A 74 11.85 -2.70 13.93
C THR A 74 10.66 -2.08 14.66
N GLU A 75 10.73 -0.76 14.85
CA GLU A 75 9.61 -0.02 15.47
C GLU A 75 8.31 -0.16 14.70
N SER A 76 8.39 -0.05 13.38
CA SER A 76 7.26 -0.32 12.51
C SER A 76 6.58 -1.66 12.70
N LEU A 77 7.36 -2.73 12.81
CA LEU A 77 6.72 -4.03 12.84
C LEU A 77 6.12 -4.24 14.20
N MET A 78 6.77 -3.67 15.21
CA MET A 78 6.24 -3.69 16.57
C MET A 78 4.86 -3.03 16.58
N LYS A 79 4.77 -1.82 15.99
CA LYS A 79 3.53 -1.06 15.85
C LYS A 79 2.49 -1.84 15.08
N GLY A 80 2.91 -2.63 14.11
CA GLY A 80 2.00 -3.48 13.37
C GLY A 80 1.37 -4.68 14.07
N GLU A 81 1.63 -4.89 15.38
CA GLU A 81 1.11 -6.06 16.12
C GLU A 81 1.74 -7.40 15.71
N LEU A 82 2.97 -7.37 15.24
CA LEU A 82 3.64 -8.62 14.79
C LEU A 82 4.66 -9.14 15.80
N GLY A 83 4.98 -8.34 16.79
CA GLY A 83 5.96 -8.71 17.77
C GLY A 83 5.52 -9.78 18.75
N HIS A 84 6.50 -10.52 19.20
CA HIS A 84 6.39 -11.48 20.24
C HIS A 84 6.70 -10.86 21.59
N GLU A 85 5.76 -10.93 22.51
CA GLU A 85 5.92 -10.28 23.81
C GLU A 85 6.39 -11.17 24.95
N LYS A 86 6.71 -12.40 24.67
CA LYS A 86 7.18 -13.31 25.69
C LYS A 86 8.52 -13.95 25.40
N LEU A 87 9.38 -13.24 24.72
CA LEU A 87 10.70 -13.72 24.43
C LEU A 87 11.62 -13.47 25.61
N THR A 88 12.77 -14.11 25.58
CA THR A 88 13.83 -13.89 26.52
C THR A 88 14.26 -12.46 26.48
N GLU A 89 14.45 -11.91 25.31
CA GLU A 89 14.69 -10.46 25.20
C GLU A 89 14.27 -10.07 23.82
N LEU A 90 13.77 -8.84 23.66
CA LEU A 90 13.32 -8.35 22.37
C LEU A 90 13.90 -6.97 22.25
N GLU A 91 14.78 -6.75 21.28
CA GLU A 91 15.33 -5.45 20.95
C GLU A 91 14.50 -4.77 19.90
N ILE A 92 14.26 -3.49 20.13
CA ILE A 92 13.56 -2.68 19.15
C ILE A 92 14.50 -1.69 18.48
N VAL A 93 14.55 -1.75 17.15
CA VAL A 93 15.50 -0.97 16.42
C VAL A 93 14.80 -0.09 15.42
N PRO A 94 15.48 0.96 14.95
CA PRO A 94 14.90 1.91 14.01
C PRO A 94 14.42 1.32 12.67
N ASP A 95 15.19 0.44 12.08
CA ASP A 95 14.92 0.04 10.71
C ASP A 95 15.48 -1.32 10.38
N MET A 96 15.13 -1.79 9.18
CA MET A 96 15.33 -3.15 8.73
C MET A 96 16.84 -3.47 8.68
N HIS A 97 17.61 -2.49 8.26
CA HIS A 97 19.04 -2.68 8.13
C HIS A 97 19.70 -2.81 9.48
N ILE A 98 19.29 -2.01 10.47
CA ILE A 98 19.95 -2.16 11.80
C ILE A 98 19.58 -3.52 12.38
N ARG A 99 18.39 -3.96 12.03
CA ARG A 99 17.87 -5.22 12.47
C ARG A 99 18.69 -6.36 11.90
N LYS A 100 19.03 -6.33 10.63
CA LYS A 100 19.91 -7.35 10.08
C LYS A 100 21.34 -7.23 10.58
N ARG A 101 21.86 -5.99 10.81
CA ARG A 101 23.19 -5.87 11.40
C ARG A 101 23.13 -6.62 12.71
N ARG A 102 22.10 -6.42 13.51
CA ARG A 102 22.11 -7.04 14.84
C ARG A 102 21.91 -8.55 14.82
N MET A 103 21.08 -9.04 13.94
CA MET A 103 20.86 -10.48 13.89
C MET A 103 22.14 -11.16 13.45
N ALA A 104 22.90 -10.49 12.59
CA ALA A 104 24.19 -11.06 12.15
C ALA A 104 25.28 -10.96 13.22
N GLU A 105 25.27 -9.92 14.03
CA GLU A 105 26.27 -9.77 15.08
C GLU A 105 26.05 -10.86 16.14
N LEU A 106 24.79 -11.05 16.51
CA LEU A 106 24.41 -11.98 17.55
C LEU A 106 24.53 -13.44 17.11
N GLY A 107 24.36 -13.70 15.84
CA GLY A 107 24.44 -15.08 15.40
C GLY A 107 25.84 -15.62 15.24
N ASP A 108 26.03 -16.89 15.60
CA ASP A 108 27.19 -17.66 15.22
C ASP A 108 26.99 -18.46 13.96
N GLY A 109 25.78 -18.57 13.46
CA GLY A 109 25.57 -19.16 12.16
C GLY A 109 24.14 -18.86 11.74
N PHE A 110 23.77 -19.20 10.51
CA PHE A 110 22.47 -18.81 9.95
C PHE A 110 21.73 -20.00 9.33
N ILE A 111 20.45 -20.06 9.64
CA ILE A 111 19.61 -21.12 9.11
C ILE A 111 18.40 -20.50 8.46
N ALA A 112 18.09 -20.95 7.27
CA ALA A 112 16.93 -20.47 6.58
C ALA A 112 15.98 -21.64 6.47
N MET A 113 14.90 -21.56 7.24
CA MET A 113 13.78 -22.53 7.15
C MET A 113 12.86 -22.06 6.09
N PRO A 114 11.84 -22.84 5.72
CA PRO A 114 10.95 -22.27 4.73
C PRO A 114 10.41 -20.88 5.03
N GLY A 115 10.16 -20.16 3.95
CA GLY A 115 9.61 -18.84 3.95
C GLY A 115 9.44 -18.28 2.54
N GLY A 116 9.22 -17.00 2.46
CA GLY A 116 9.05 -16.31 1.20
C GLY A 116 10.12 -15.23 0.88
N ALA A 117 9.65 -14.09 0.45
CA ALA A 117 10.53 -13.10 -0.08
C ALA A 117 11.36 -12.51 1.04
N GLY A 118 10.79 -12.41 2.24
CA GLY A 118 11.49 -11.82 3.38
C GLY A 118 12.65 -12.71 3.77
N THR A 119 12.36 -14.00 3.77
CA THR A 119 13.36 -14.96 4.13
C THR A 119 14.47 -14.99 3.06
N LEU A 120 14.06 -15.00 1.81
CA LEU A 120 15.02 -15.01 0.72
C LEU A 120 15.99 -13.87 0.87
N GLU A 121 15.45 -12.71 1.12
CA GLU A 121 16.20 -11.46 1.27
C GLU A 121 17.24 -11.55 2.37
N GLU A 122 16.88 -12.01 3.54
CA GLU A 122 17.84 -12.18 4.65
C GLU A 122 18.93 -13.23 4.36
N LEU A 123 18.48 -14.36 3.81
CA LEU A 123 19.30 -15.47 3.39
C LEU A 123 20.38 -14.99 2.44
N PHE A 124 19.96 -14.35 1.36
CA PHE A 124 20.94 -13.93 0.37
C PHE A 124 21.88 -12.85 0.83
N GLU A 125 21.43 -12.04 1.75
CA GLU A 125 22.31 -11.05 2.24
C GLU A 125 23.39 -11.77 2.96
N VAL A 126 23.07 -12.64 3.92
CA VAL A 126 24.18 -13.19 4.74
C VAL A 126 25.04 -14.17 3.95
N TRP A 127 24.47 -14.76 2.89
CA TRP A 127 25.24 -15.69 2.06
C TRP A 127 26.23 -14.89 1.28
N THR A 128 25.76 -13.80 0.69
CA THR A 128 26.61 -12.97 -0.13
C THR A 128 27.72 -12.42 0.67
N TRP A 129 27.42 -11.91 1.83
CA TRP A 129 28.42 -11.42 2.74
C TRP A 129 29.44 -12.47 3.21
N GLN A 130 29.07 -13.73 3.28
CA GLN A 130 30.03 -14.78 3.49
C GLN A 130 31.00 -14.83 2.29
N GLN A 131 30.47 -14.73 1.07
CA GLN A 131 31.30 -14.76 -0.12
C GLN A 131 32.34 -13.65 -0.11
N LEU A 132 31.98 -12.49 0.42
CA LEU A 132 32.88 -11.35 0.50
C LEU A 132 33.77 -11.34 1.72
N GLY A 133 33.77 -12.36 2.54
CA GLY A 133 34.63 -12.30 3.75
C GLY A 133 34.14 -11.34 4.83
N ILE A 134 32.92 -10.81 4.72
CA ILE A 134 32.41 -9.97 5.80
C ILE A 134 32.27 -10.77 7.09
N HIS A 135 31.87 -12.04 6.97
CA HIS A 135 31.92 -12.95 8.10
C HIS A 135 32.35 -14.33 7.59
N GLN A 136 32.75 -15.21 8.51
CA GLN A 136 33.04 -16.58 8.16
C GLN A 136 32.13 -17.55 8.94
N LYS A 137 30.83 -17.32 8.87
CA LYS A 137 29.93 -18.12 9.67
C LYS A 137 29.18 -19.04 8.74
N PRO A 138 28.89 -20.26 9.19
CA PRO A 138 28.09 -21.16 8.36
C PRO A 138 26.70 -20.61 8.02
N VAL A 139 26.32 -20.81 6.79
CA VAL A 139 24.97 -20.51 6.32
C VAL A 139 24.40 -21.81 5.84
N ALA A 140 23.20 -22.14 6.35
CA ALA A 140 22.51 -23.43 6.06
C ALA A 140 21.04 -23.31 5.70
N LEU A 141 20.63 -24.23 4.85
CA LEU A 141 19.26 -24.33 4.38
C LEU A 141 18.60 -25.60 4.93
N TYR A 142 17.51 -25.42 5.69
CA TYR A 142 16.75 -26.51 6.27
C TYR A 142 15.77 -26.96 5.23
N ASP A 143 16.10 -28.05 4.56
CA ASP A 143 15.37 -28.45 3.36
C ASP A 143 14.14 -29.32 3.62
N VAL A 144 13.15 -28.72 4.25
CA VAL A 144 11.96 -29.48 4.68
C VAL A 144 11.09 -29.88 3.49
N ASP A 145 10.83 -31.18 3.33
CA ASP A 145 10.04 -31.68 2.19
C ASP A 145 10.60 -31.24 0.80
N GLY A 146 11.91 -31.12 0.70
CA GLY A 146 12.53 -30.59 -0.49
C GLY A 146 12.18 -29.14 -0.82
N PHE A 147 11.86 -28.37 0.20
CA PHE A 147 11.36 -27.01 -0.04
C PHE A 147 12.37 -26.17 -0.81
N TRP A 148 13.65 -26.31 -0.50
CA TRP A 148 14.68 -25.52 -1.14
C TRP A 148 15.21 -26.09 -2.45
N GLN A 149 14.74 -27.23 -2.90
CA GLN A 149 15.27 -27.77 -4.17
C GLN A 149 15.16 -26.78 -5.33
N PRO A 150 14.02 -26.08 -5.48
CA PRO A 150 14.02 -25.18 -6.65
C PRO A 150 15.03 -24.04 -6.54
N LEU A 151 15.32 -23.61 -5.35
CA LEU A 151 16.35 -22.65 -5.14
C LEU A 151 17.70 -23.21 -5.51
N LEU A 152 17.99 -24.45 -5.16
CA LEU A 152 19.29 -25.02 -5.50
C LEU A 152 19.44 -25.16 -7.01
N GLU A 153 18.34 -25.43 -7.68
CA GLU A 153 18.32 -25.54 -9.11
C GLU A 153 18.61 -24.20 -9.74
N MET A 154 18.12 -23.11 -9.14
CA MET A 154 18.38 -21.79 -9.62
C MET A 154 19.84 -21.49 -9.40
N LEU A 155 20.33 -21.71 -8.20
CA LEU A 155 21.74 -21.49 -7.95
C LEU A 155 22.65 -22.37 -8.85
N GLU A 156 22.18 -23.57 -9.18
CA GLU A 156 23.01 -24.45 -9.97
C GLU A 156 23.19 -23.84 -11.37
N GLN A 157 22.11 -23.31 -11.93
CA GLN A 157 22.19 -22.68 -13.22
C GLN A 157 23.03 -21.43 -13.17
N MET A 158 22.91 -20.62 -12.12
CA MET A 158 23.74 -19.43 -12.08
C MET A 158 25.21 -19.82 -12.07
N THR A 159 25.53 -20.89 -11.38
CA THR A 159 26.90 -21.35 -11.30
C THR A 159 27.35 -21.83 -12.69
N GLN A 160 26.47 -22.51 -13.40
CA GLN A 160 26.79 -22.95 -14.72
C GLN A 160 26.83 -21.83 -15.75
N ARG A 161 26.26 -20.67 -15.44
CA ARG A 161 26.32 -19.56 -16.36
C ARG A 161 27.36 -18.54 -15.92
N GLY A 162 28.23 -18.88 -14.97
CA GLY A 162 29.38 -18.02 -14.67
C GLY A 162 29.24 -17.00 -13.54
N PHE A 163 28.08 -16.95 -12.87
CA PHE A 163 27.84 -15.86 -11.92
C PHE A 163 28.02 -16.20 -10.46
N ILE A 164 28.30 -17.47 -10.19
CA ILE A 164 28.60 -17.88 -8.82
C ILE A 164 29.77 -18.81 -8.81
N LYS A 165 30.72 -18.57 -7.96
CA LYS A 165 31.84 -19.48 -7.85
C LYS A 165 31.39 -20.81 -7.31
N ARG A 166 31.71 -21.89 -8.02
CA ARG A 166 31.26 -23.26 -7.66
C ARG A 166 31.71 -23.66 -6.27
N ASP A 167 32.92 -23.23 -5.96
CA ASP A 167 33.56 -23.47 -4.69
C ASP A 167 32.65 -22.98 -3.57
N PHE A 168 32.19 -21.75 -3.74
CA PHE A 168 31.33 -21.11 -2.78
C PHE A 168 29.95 -21.77 -2.69
N PHE A 169 29.37 -22.16 -3.80
CA PHE A 169 28.05 -22.82 -3.81
C PHE A 169 28.13 -24.13 -3.05
N GLU A 170 29.29 -24.76 -3.06
CA GLU A 170 29.45 -26.09 -2.47
C GLU A 170 29.62 -26.01 -0.97
N CYS A 171 30.06 -24.86 -0.48
CA CYS A 171 30.10 -24.62 0.95
C CYS A 171 28.74 -24.30 1.56
N LEU A 172 27.70 -24.15 0.73
CA LEU A 172 26.38 -23.97 1.29
C LEU A 172 25.84 -25.26 1.93
N ILE A 173 25.49 -25.24 3.22
CA ILE A 173 24.84 -26.44 3.86
C ILE A 173 23.36 -26.68 3.47
N VAL A 174 23.01 -27.90 3.12
CA VAL A 174 21.63 -28.28 2.81
C VAL A 174 21.31 -29.58 3.45
N GLU A 175 20.26 -29.62 4.28
CA GLU A 175 19.91 -30.81 5.07
C GLU A 175 18.46 -30.75 5.46
N SER A 176 17.75 -31.86 5.29
CA SER A 176 16.36 -31.96 5.71
C SER A 176 16.22 -32.42 7.16
N ASP A 177 17.17 -33.19 7.63
CA ASP A 177 17.15 -33.64 9.00
C ASP A 177 17.92 -32.65 9.88
N PRO A 178 17.36 -32.30 11.07
CA PRO A 178 17.94 -31.24 11.92
C PRO A 178 19.14 -31.65 12.71
N HIS A 179 19.33 -32.95 12.94
CA HIS A 179 20.55 -33.37 13.66
C HIS A 179 21.71 -33.25 12.66
N ALA A 180 21.44 -33.63 11.41
CA ALA A 180 22.46 -33.52 10.36
C ALA A 180 22.80 -32.06 10.13
N LEU A 181 21.78 -31.22 10.08
CA LEU A 181 21.95 -29.81 9.82
C LEU A 181 22.82 -29.17 10.84
N LEU A 182 22.54 -29.42 12.10
CA LEU A 182 23.30 -28.73 13.15
C LEU A 182 24.73 -29.28 13.22
N LYS A 183 24.90 -30.56 12.94
CA LYS A 183 26.24 -31.15 12.95
C LYS A 183 27.11 -30.58 11.80
N ALA A 184 26.50 -30.47 10.61
CA ALA A 184 27.10 -29.80 9.44
C ALA A 184 27.53 -28.41 9.78
N MET A 185 26.68 -27.67 10.48
CA MET A 185 27.05 -26.30 10.90
C MET A 185 28.21 -26.31 11.90
N GLN A 186 28.18 -27.25 12.84
CA GLN A 186 29.17 -27.35 13.92
C GLN A 186 30.58 -27.68 13.40
N THR A 187 30.70 -28.46 12.32
CA THR A 187 31.99 -28.91 11.79
C THR A 187 32.37 -28.23 10.46
N TRP A 188 31.84 -27.07 10.18
CA TRP A 188 31.94 -26.48 8.84
C TRP A 188 33.28 -25.74 8.75
N THR A 189 33.94 -25.70 7.58
CA THR A 189 35.05 -24.70 7.40
C THR A 189 34.82 -23.76 6.20
N PRO A 190 35.26 -22.50 6.32
CA PRO A 190 35.02 -21.45 5.32
C PRO A 190 35.59 -21.80 3.95
N PRO A 191 35.14 -21.13 2.86
CA PRO A 191 35.74 -21.32 1.52
C PRO A 191 37.05 -20.52 1.28
N SER B 3 0.72 14.82 -10.64
CA SER B 3 -0.71 14.60 -10.23
C SER B 3 -0.90 13.32 -9.40
N LEU B 4 -1.95 13.32 -8.60
CA LEU B 4 -2.23 12.27 -7.64
C LEU B 4 -2.62 10.95 -8.27
N PHE B 5 -3.26 10.99 -9.43
CA PHE B 5 -3.64 9.75 -10.12
C PHE B 5 -2.52 9.14 -10.98
N ASP B 6 -1.38 9.80 -11.05
CA ASP B 6 -0.34 9.40 -11.99
C ASP B 6 0.74 8.69 -11.25
N ALA B 7 1.37 7.73 -11.92
CA ALA B 7 2.59 7.15 -11.42
C ALA B 7 3.62 8.25 -11.62
N PRO B 8 4.54 8.37 -10.67
CA PRO B 8 5.70 9.19 -10.93
C PRO B 8 6.40 8.71 -12.21
N THR B 9 7.07 9.63 -12.87
CA THR B 9 7.60 9.27 -14.15
C THR B 9 9.03 8.84 -13.85
N LEU B 10 9.51 7.81 -14.55
CA LEU B 10 10.84 7.27 -14.28
C LEU B 10 11.93 8.16 -14.82
N GLN B 11 12.71 8.74 -13.93
CA GLN B 11 13.91 9.52 -14.30
C GLN B 11 15.20 8.71 -14.20
N ARG B 12 15.24 7.80 -13.22
CA ARG B 12 16.35 6.93 -13.03
C ARG B 12 15.90 5.50 -12.84
N VAL B 13 16.72 4.53 -13.26
CA VAL B 13 16.46 3.17 -12.84
C VAL B 13 17.66 2.58 -12.20
N THR B 14 17.41 1.95 -11.06
CA THR B 14 18.48 1.24 -10.34
C THR B 14 18.63 -0.15 -10.91
N VAL B 15 19.83 -0.48 -11.37
CA VAL B 15 20.09 -1.79 -12.00
C VAL B 15 21.04 -2.62 -11.15
N PHE B 16 20.60 -3.86 -10.86
CA PHE B 16 21.39 -4.87 -10.16
C PHE B 16 21.86 -5.88 -11.17
N THR B 17 23.16 -6.14 -11.14
CA THR B 17 23.70 -7.12 -12.06
C THR B 17 25.05 -7.58 -11.57
N GLY B 18 25.63 -8.57 -12.24
CA GLY B 18 26.86 -9.20 -11.72
C GLY B 18 28.10 -8.35 -11.89
N SER B 19 29.13 -8.64 -11.11
CA SER B 19 30.47 -8.08 -11.40
C SER B 19 31.32 -9.02 -12.28
N ALA B 20 30.72 -10.11 -12.74
CA ALA B 20 31.25 -10.92 -13.80
C ALA B 20 30.43 -10.71 -15.07
N LEU B 21 31.01 -11.02 -16.21
CA LEU B 21 30.29 -10.95 -17.48
C LEU B 21 29.41 -12.15 -17.71
N GLY B 22 29.70 -13.24 -17.00
CA GLY B 22 28.96 -14.45 -17.19
C GLY B 22 29.43 -15.11 -18.46
N SER B 23 28.80 -16.22 -18.81
CA SER B 23 29.28 -17.16 -19.82
C SER B 23 28.61 -17.06 -21.19
N SER B 24 27.87 -16.01 -21.44
CA SER B 24 27.42 -15.74 -22.81
C SER B 24 27.76 -14.31 -23.19
N SER B 25 28.25 -14.13 -24.41
CA SER B 25 28.38 -12.81 -24.99
C SER B 25 27.02 -12.08 -24.98
N LEU B 26 25.93 -12.83 -25.11
CA LEU B 26 24.58 -12.28 -25.09
C LEU B 26 24.21 -11.35 -23.91
N TYR B 27 24.81 -11.55 -22.74
CA TYR B 27 24.43 -10.78 -21.58
C TYR B 27 25.05 -9.41 -21.67
N THR B 28 26.19 -9.34 -22.36
CA THR B 28 26.83 -8.08 -22.62
C THR B 28 26.00 -7.33 -23.68
N GLN B 29 25.72 -7.96 -24.80
CA GLN B 29 24.78 -7.36 -25.73
C GLN B 29 23.51 -6.84 -25.05
N ALA B 30 22.85 -7.71 -24.26
CA ALA B 30 21.51 -7.38 -23.79
C ALA B 30 21.52 -6.27 -22.83
N ALA B 31 22.58 -6.12 -22.08
CA ALA B 31 22.71 -5.00 -21.22
C ALA B 31 22.90 -3.71 -22.00
N GLN B 32 23.83 -3.75 -22.96
CA GLN B 32 24.01 -2.60 -23.88
C GLN B 32 22.68 -2.14 -24.49
N THR B 33 21.85 -3.07 -24.94
CA THR B 33 20.59 -2.66 -25.55
C THR B 33 19.66 -1.92 -24.57
N LEU B 34 19.58 -2.43 -23.36
CA LEU B 34 18.71 -1.85 -22.37
C LEU B 34 19.19 -0.42 -22.09
N ALA B 35 20.51 -0.26 -21.95
CA ALA B 35 21.09 1.07 -21.67
C ALA B 35 20.70 2.06 -22.77
N LYS B 36 20.87 1.64 -24.01
CA LYS B 36 20.44 2.48 -25.16
C LYS B 36 18.94 2.79 -25.09
N THR B 37 18.09 1.79 -24.95
CA THR B 37 16.62 2.03 -24.81
C THR B 37 16.30 3.03 -23.68
N ALA B 38 17.01 2.87 -22.58
CA ALA B 38 16.72 3.63 -21.36
C ALA B 38 16.93 5.11 -21.64
N VAL B 39 18.09 5.38 -22.21
CA VAL B 39 18.55 6.74 -22.46
C VAL B 39 17.66 7.38 -23.55
N ASP B 40 17.29 6.56 -24.53
CA ASP B 40 16.31 6.97 -25.51
C ASP B 40 15.03 7.55 -24.89
N ARG B 41 14.58 6.98 -23.77
CA ARG B 41 13.42 7.53 -23.05
C ARG B 41 13.88 8.47 -21.96
N GLY B 42 15.10 9.00 -22.01
CA GLY B 42 15.62 9.90 -20.96
C GLY B 42 15.59 9.40 -19.53
N ILE B 43 15.82 8.09 -19.40
CA ILE B 43 15.99 7.45 -18.11
C ILE B 43 17.49 7.27 -17.89
N ASP B 44 17.98 7.72 -16.75
CA ASP B 44 19.40 7.55 -16.40
C ASP B 44 19.63 6.33 -15.47
N LEU B 45 20.91 6.05 -15.16
CA LEU B 45 21.25 4.87 -14.42
C LEU B 45 21.72 5.15 -13.03
N VAL B 46 21.19 4.35 -12.08
CA VAL B 46 21.78 4.21 -10.76
C VAL B 46 22.25 2.75 -10.63
N TYR B 47 23.41 2.48 -10.05
CA TYR B 47 23.91 1.12 -9.95
C TYR B 47 25.04 1.13 -8.92
N GLY B 48 25.69 -0.01 -8.72
CA GLY B 48 26.62 -0.19 -7.61
C GLY B 48 28.05 0.32 -7.83
N GLY B 49 28.31 1.00 -8.94
CA GLY B 49 29.59 1.75 -9.11
C GLY B 49 30.84 1.01 -9.62
N GLY B 50 30.65 -0.21 -10.14
CA GLY B 50 31.76 -1.05 -10.54
C GLY B 50 32.19 -0.80 -11.97
N LYS B 51 33.40 -1.26 -12.31
CA LYS B 51 33.94 -1.09 -13.67
C LYS B 51 34.17 -2.39 -14.47
N VAL B 52 33.86 -3.56 -13.89
CA VAL B 52 34.01 -4.82 -14.62
C VAL B 52 32.69 -5.57 -14.72
N GLY B 53 32.69 -6.61 -15.52
CA GLY B 53 31.51 -7.43 -15.65
C GLY B 53 30.32 -6.66 -16.17
N LEU B 54 29.13 -7.17 -15.93
CA LEU B 54 27.93 -6.53 -16.42
C LEU B 54 27.71 -5.16 -15.76
N MET B 55 28.07 -5.01 -14.49
CA MET B 55 28.02 -3.69 -13.87
C MET B 55 28.76 -2.64 -14.73
N GLY B 56 30.04 -2.90 -15.00
CA GLY B 56 30.81 -2.07 -15.92
C GLY B 56 30.20 -1.94 -17.30
N ILE B 57 29.71 -3.02 -17.87
CA ILE B 57 29.16 -2.95 -19.22
C ILE B 57 28.04 -1.95 -19.27
N VAL B 58 27.14 -2.03 -18.31
CA VAL B 58 25.88 -1.27 -18.35
C VAL B 58 26.15 0.20 -18.02
N ALA B 59 27.07 0.48 -17.10
CA ALA B 59 27.43 1.86 -16.87
C ALA B 59 28.10 2.46 -18.09
N ASP B 60 28.98 1.70 -18.75
CA ASP B 60 29.67 2.27 -19.90
C ASP B 60 28.68 2.50 -21.02
N ALA B 61 27.74 1.58 -21.22
CA ALA B 61 26.85 1.75 -22.34
C ALA B 61 26.01 3.01 -22.12
N PHE B 62 25.70 3.29 -20.84
CA PHE B 62 24.86 4.42 -20.49
C PHE B 62 25.60 5.68 -20.82
N LEU B 63 26.86 5.78 -20.40
CA LEU B 63 27.65 6.99 -20.64
C LEU B 63 27.84 7.20 -22.15
N GLU B 64 28.06 6.10 -22.85
CA GLU B 64 28.38 6.17 -24.25
C GLU B 64 27.19 6.52 -25.08
N SER B 65 25.98 6.19 -24.63
CA SER B 65 24.82 6.59 -25.38
C SER B 65 24.45 8.04 -25.05
N GLY B 66 25.21 8.66 -24.13
CA GLY B 66 24.99 10.04 -23.71
C GLY B 66 24.05 10.28 -22.53
N GLY B 67 23.61 9.21 -21.86
CA GLY B 67 22.96 9.29 -20.53
C GLY B 67 23.95 9.57 -19.39
N GLU B 68 23.44 9.58 -18.17
CA GLU B 68 24.23 9.78 -16.95
C GLU B 68 24.19 8.50 -16.09
N ALA B 69 25.11 8.37 -15.15
CA ALA B 69 25.28 7.15 -14.42
C ALA B 69 25.83 7.49 -13.06
N PHE B 70 25.10 7.09 -12.01
CA PHE B 70 25.37 7.39 -10.60
C PHE B 70 25.67 6.10 -9.90
N GLY B 71 26.90 5.92 -9.50
CA GLY B 71 27.31 4.72 -8.80
C GLY B 71 27.33 5.03 -7.32
N VAL B 72 27.07 4.00 -6.52
CA VAL B 72 27.12 4.11 -5.08
C VAL B 72 27.91 2.91 -4.67
N ILE B 73 28.93 3.17 -3.89
CA ILE B 73 29.96 2.22 -3.63
C ILE B 73 30.41 2.40 -2.19
N THR B 74 31.07 1.42 -1.59
CA THR B 74 31.48 1.52 -0.19
C THR B 74 32.93 1.96 -0.01
N GLU B 75 33.29 2.33 1.22
CA GLU B 75 34.68 2.67 1.53
C GLU B 75 35.58 1.48 1.27
N SER B 76 35.19 0.32 1.79
CA SER B 76 35.93 -0.92 1.58
C SER B 76 36.26 -1.12 0.10
N LEU B 77 35.25 -0.98 -0.76
CA LEU B 77 35.41 -1.19 -2.20
C LEU B 77 36.24 -0.10 -2.85
N MET B 78 36.11 1.14 -2.39
CA MET B 78 36.89 2.25 -2.94
C MET B 78 38.38 2.18 -2.51
N LYS B 79 38.64 1.74 -1.28
CA LYS B 79 40.02 1.51 -0.86
C LYS B 79 40.65 0.43 -1.75
N GLY B 80 39.96 -0.68 -1.96
CA GLY B 80 40.40 -1.72 -2.91
C GLY B 80 40.33 -1.29 -4.37
N GLU B 81 40.20 0.04 -4.60
CA GLU B 81 40.24 0.70 -5.91
C GLU B 81 39.40 -0.03 -7.01
N LEU B 82 38.14 -0.33 -6.67
CA LEU B 82 37.22 -1.03 -7.57
C LEU B 82 36.13 -0.11 -8.13
N GLY B 83 36.17 1.17 -7.81
CA GLY B 83 35.19 2.10 -8.33
C GLY B 83 35.49 2.59 -9.73
N HIS B 84 34.44 2.78 -10.51
CA HIS B 84 34.49 3.42 -11.80
C HIS B 84 34.82 4.92 -11.70
N GLU B 85 35.67 5.39 -12.59
CA GLU B 85 36.29 6.68 -12.44
C GLU B 85 35.73 7.73 -13.34
N LYS B 86 34.91 7.37 -14.29
CA LYS B 86 34.40 8.35 -15.18
C LYS B 86 32.89 8.43 -15.10
N LEU B 87 32.34 8.29 -13.90
CA LEU B 87 30.89 8.35 -13.74
C LEU B 87 30.39 9.78 -13.61
N THR B 88 29.11 9.97 -13.96
CA THR B 88 28.48 11.24 -13.68
C THR B 88 28.57 11.67 -12.23
N GLU B 89 28.28 10.76 -11.31
CA GLU B 89 28.55 10.98 -9.87
C GLU B 89 28.89 9.67 -9.21
N LEU B 90 29.65 9.68 -8.13
CA LEU B 90 30.03 8.46 -7.43
C LEU B 90 30.00 8.68 -5.92
N GLU B 91 28.97 8.16 -5.27
CA GLU B 91 28.80 8.37 -3.87
C GLU B 91 29.53 7.27 -3.13
N ILE B 92 30.38 7.63 -2.19
CA ILE B 92 31.09 6.64 -1.37
C ILE B 92 30.44 6.61 0.01
N VAL B 93 30.02 5.43 0.49
CA VAL B 93 29.26 5.30 1.76
C VAL B 93 29.88 4.26 2.68
N PRO B 94 29.68 4.38 4.01
CA PRO B 94 30.43 3.51 4.94
C PRO B 94 30.18 2.00 4.89
N ASP B 95 29.04 1.53 4.37
CA ASP B 95 28.78 0.09 4.34
C ASP B 95 27.75 -0.38 3.32
N MET B 96 27.50 -1.68 3.31
CA MET B 96 26.73 -2.31 2.26
C MET B 96 25.25 -2.07 2.42
N HIS B 97 24.83 -1.93 3.68
CA HIS B 97 23.46 -1.49 3.98
C HIS B 97 23.15 -0.11 3.42
N ILE B 98 23.95 0.87 3.77
CA ILE B 98 23.71 2.24 3.33
C ILE B 98 23.75 2.27 1.81
N ARG B 99 24.67 1.50 1.24
CA ARG B 99 24.77 1.41 -0.22
C ARG B 99 23.47 0.99 -0.85
N LYS B 100 22.87 -0.08 -0.35
CA LYS B 100 21.56 -0.53 -0.84
C LYS B 100 20.45 0.46 -0.56
N ARG B 101 20.51 1.10 0.62
CA ARG B 101 19.45 2.06 0.97
C ARG B 101 19.51 3.20 0.00
N ARG B 102 20.71 3.65 -0.32
CA ARG B 102 20.89 4.81 -1.20
C ARG B 102 20.59 4.48 -2.64
N MET B 103 20.90 3.28 -3.09
CA MET B 103 20.55 2.92 -4.43
C MET B 103 19.02 2.88 -4.55
N ALA B 104 18.33 2.61 -3.46
CA ALA B 104 16.89 2.44 -3.55
C ALA B 104 16.14 3.78 -3.48
N GLU B 105 16.69 4.73 -2.73
CA GLU B 105 16.20 6.13 -2.66
C GLU B 105 16.40 6.85 -4.00
N LEU B 106 17.59 6.71 -4.57
CA LEU B 106 17.89 7.27 -5.90
C LEU B 106 17.12 6.72 -7.05
N GLY B 107 16.76 5.46 -7.03
CA GLY B 107 16.12 4.90 -8.23
C GLY B 107 14.63 5.19 -8.21
N ASP B 108 14.03 5.27 -9.39
CA ASP B 108 12.56 5.38 -9.50
C ASP B 108 11.96 4.02 -9.78
N GLY B 109 12.82 3.03 -9.94
CA GLY B 109 12.40 1.68 -10.28
C GLY B 109 13.62 0.79 -10.21
N PHE B 110 13.40 -0.52 -10.21
CA PHE B 110 14.51 -1.48 -10.09
C PHE B 110 14.50 -2.51 -11.19
N ILE B 111 15.67 -2.73 -11.79
CA ILE B 111 15.81 -3.83 -12.75
C ILE B 111 16.92 -4.86 -12.32
N ALA B 112 16.59 -6.14 -12.40
CA ALA B 112 17.59 -7.20 -12.16
C ALA B 112 18.01 -7.85 -13.48
N MET B 113 19.24 -7.59 -13.87
CA MET B 113 19.83 -8.27 -15.02
C MET B 113 20.57 -9.48 -14.48
N PRO B 114 21.10 -10.30 -15.33
CA PRO B 114 21.77 -11.49 -14.86
C PRO B 114 22.90 -11.20 -13.91
N GLY B 115 22.99 -12.01 -12.88
CA GLY B 115 24.04 -11.89 -11.89
C GLY B 115 23.96 -13.04 -10.91
N GLY B 116 24.74 -12.94 -9.88
CA GLY B 116 24.74 -13.97 -8.89
C GLY B 116 24.07 -13.62 -7.59
N ALA B 117 24.67 -14.11 -6.52
CA ALA B 117 24.16 -13.95 -5.16
C ALA B 117 23.81 -12.53 -4.80
N GLY B 118 24.78 -11.64 -5.05
CA GLY B 118 24.62 -10.24 -4.73
C GLY B 118 23.42 -9.64 -5.44
N THR B 119 23.18 -10.09 -6.66
CA THR B 119 22.08 -9.53 -7.44
C THR B 119 20.78 -9.96 -6.77
N LEU B 120 20.68 -11.23 -6.42
CA LEU B 120 19.58 -11.77 -5.60
C LEU B 120 19.45 -11.07 -4.26
N GLU B 121 20.52 -10.80 -3.53
CA GLU B 121 20.43 -10.03 -2.29
C GLU B 121 19.63 -8.72 -2.48
N GLU B 122 19.88 -8.05 -3.58
CA GLU B 122 19.36 -6.71 -3.85
C GLU B 122 17.93 -6.77 -4.35
N LEU B 123 17.70 -7.66 -5.29
CA LEU B 123 16.37 -7.91 -5.85
C LEU B 123 15.35 -8.24 -4.78
N PHE B 124 15.61 -9.26 -4.00
CA PHE B 124 14.67 -9.65 -2.96
C PHE B 124 14.46 -8.61 -1.90
N GLU B 125 15.47 -7.80 -1.63
CA GLU B 125 15.27 -6.78 -0.65
C GLU B 125 14.27 -5.73 -1.14
N VAL B 126 14.49 -5.21 -2.31
CA VAL B 126 13.60 -4.18 -2.85
C VAL B 126 12.19 -4.73 -3.12
N TRP B 127 12.07 -5.99 -3.49
CA TRP B 127 10.78 -6.59 -3.67
C TRP B 127 10.08 -6.74 -2.31
N THR B 128 10.84 -7.16 -1.29
CA THR B 128 10.25 -7.28 0.05
C THR B 128 9.72 -5.93 0.47
N TRP B 129 10.52 -4.91 0.23
CA TRP B 129 10.14 -3.56 0.62
C TRP B 129 8.88 -3.03 -0.08
N GLN B 130 8.71 -3.39 -1.34
CA GLN B 130 7.51 -3.08 -2.06
C GLN B 130 6.35 -3.72 -1.31
N GLN B 131 6.50 -4.96 -0.90
CA GLN B 131 5.43 -5.63 -0.18
C GLN B 131 5.10 -5.08 1.17
N LEU B 132 6.07 -4.44 1.80
CA LEU B 132 5.86 -3.87 3.09
C LEU B 132 5.35 -2.44 2.99
N GLY B 133 5.21 -1.93 1.75
CA GLY B 133 4.93 -0.52 1.55
C GLY B 133 6.04 0.47 1.83
N ILE B 134 7.25 0.02 1.96
CA ILE B 134 8.39 0.94 2.10
C ILE B 134 8.66 1.79 0.86
N HIS B 135 8.36 1.27 -0.33
CA HIS B 135 8.35 2.11 -1.52
C HIS B 135 7.24 1.58 -2.38
N GLN B 136 6.89 2.35 -3.42
CA GLN B 136 5.87 1.89 -4.37
C GLN B 136 6.41 1.94 -5.80
N LYS B 137 7.70 1.66 -5.93
CA LYS B 137 8.41 1.64 -7.21
C LYS B 137 8.39 0.25 -7.85
N PRO B 138 8.36 0.22 -9.17
CA PRO B 138 8.24 -1.07 -9.85
C PRO B 138 9.52 -1.89 -9.78
N VAL B 139 9.35 -3.21 -9.77
CA VAL B 139 10.47 -4.15 -9.70
C VAL B 139 10.42 -5.09 -10.88
N ALA B 140 11.47 -5.06 -11.69
CA ALA B 140 11.48 -5.84 -12.91
C ALA B 140 12.63 -6.83 -13.04
N LEU B 141 12.34 -7.94 -13.70
CA LEU B 141 13.33 -8.92 -14.11
C LEU B 141 13.60 -8.85 -15.60
N TYR B 142 14.86 -8.60 -15.97
CA TYR B 142 15.23 -8.61 -17.38
C TYR B 142 15.61 -10.02 -17.78
N ASP B 143 14.68 -10.75 -18.43
CA ASP B 143 14.82 -12.20 -18.63
C ASP B 143 15.61 -12.56 -19.90
N VAL B 144 16.89 -12.20 -19.88
CA VAL B 144 17.75 -12.37 -21.01
C VAL B 144 17.94 -13.85 -21.20
N ASP B 145 17.60 -14.32 -22.40
CA ASP B 145 17.61 -15.74 -22.71
C ASP B 145 17.04 -16.62 -21.59
N GLY B 146 15.93 -16.19 -20.98
CA GLY B 146 15.24 -17.01 -19.97
C GLY B 146 16.04 -17.20 -18.70
N PHE B 147 16.97 -16.33 -18.42
CA PHE B 147 17.91 -16.51 -17.30
C PHE B 147 17.17 -16.64 -15.97
N TRP B 148 16.14 -15.81 -15.81
CA TRP B 148 15.35 -15.80 -14.59
C TRP B 148 14.26 -16.85 -14.51
N GLN B 149 14.14 -17.73 -15.50
CA GLN B 149 13.05 -18.77 -15.44
C GLN B 149 13.14 -19.71 -14.22
N PRO B 150 14.35 -20.15 -13.83
CA PRO B 150 14.41 -20.96 -12.65
C PRO B 150 13.96 -20.24 -11.36
N LEU B 151 14.29 -18.97 -11.23
CA LEU B 151 13.82 -18.15 -10.13
C LEU B 151 12.29 -18.11 -10.13
N LEU B 152 11.68 -17.92 -11.29
CA LEU B 152 10.25 -17.86 -11.33
C LEU B 152 9.62 -19.19 -10.92
N GLU B 153 10.23 -20.29 -11.33
CA GLU B 153 9.74 -21.57 -10.89
C GLU B 153 9.84 -21.65 -9.36
N MET B 154 10.94 -21.16 -8.78
CA MET B 154 11.07 -21.14 -7.33
C MET B 154 10.04 -20.29 -6.63
N LEU B 155 9.78 -19.09 -7.14
CA LEU B 155 8.75 -18.28 -6.54
C LEU B 155 7.34 -18.88 -6.75
N GLU B 156 7.12 -19.58 -7.85
CA GLU B 156 5.81 -20.21 -8.13
C GLU B 156 5.56 -21.30 -7.10
N GLN B 157 6.59 -22.06 -6.79
CA GLN B 157 6.53 -23.09 -5.78
C GLN B 157 6.32 -22.48 -4.42
N MET B 158 6.98 -21.36 -4.14
CA MET B 158 6.79 -20.71 -2.82
C MET B 158 5.37 -20.21 -2.63
N THR B 159 4.81 -19.68 -3.71
CA THR B 159 3.48 -19.15 -3.74
C THR B 159 2.45 -20.29 -3.54
N GLN B 160 2.66 -21.39 -4.23
CA GLN B 160 1.85 -22.58 -4.04
C GLN B 160 1.89 -23.13 -2.61
N ARG B 161 3.04 -23.07 -1.95
CA ARG B 161 3.12 -23.60 -0.60
C ARG B 161 2.63 -22.59 0.43
N GLY B 162 2.24 -21.40 -0.04
CA GLY B 162 1.61 -20.40 0.79
C GLY B 162 2.54 -19.41 1.45
N PHE B 163 3.78 -19.26 0.97
CA PHE B 163 4.66 -18.26 1.61
C PHE B 163 4.73 -16.95 0.86
N ILE B 164 4.12 -16.88 -0.31
CA ILE B 164 4.03 -15.64 -1.02
C ILE B 164 2.65 -15.48 -1.55
N LYS B 165 2.05 -14.31 -1.39
CA LYS B 165 0.77 -14.04 -2.03
C LYS B 165 0.86 -13.98 -3.54
N ARG B 166 -0.01 -14.72 -4.18
CA ARG B 166 -0.03 -14.76 -5.63
C ARG B 166 -0.05 -13.32 -6.21
N ASP B 167 -0.84 -12.44 -5.61
CA ASP B 167 -0.95 -11.07 -6.08
C ASP B 167 0.33 -10.30 -6.05
N PHE B 168 1.24 -10.58 -5.12
CA PHE B 168 2.54 -9.89 -5.16
C PHE B 168 3.39 -10.42 -6.31
N PHE B 169 3.47 -11.74 -6.39
CA PHE B 169 4.22 -12.43 -7.42
C PHE B 169 3.79 -12.00 -8.81
N GLU B 170 2.48 -11.87 -9.03
CA GLU B 170 2.02 -11.32 -10.29
C GLU B 170 2.30 -9.85 -10.55
N CYS B 171 2.86 -9.09 -9.61
CA CYS B 171 3.14 -7.67 -9.85
C CYS B 171 4.58 -7.46 -10.19
N LEU B 172 5.24 -8.59 -10.36
CA LEU B 172 6.61 -8.61 -10.75
C LEU B 172 6.63 -8.52 -12.25
N ILE B 173 7.34 -7.53 -12.78
CA ILE B 173 7.52 -7.39 -14.20
C ILE B 173 8.65 -8.31 -14.68
N VAL B 174 8.35 -9.12 -15.68
CA VAL B 174 9.33 -9.99 -16.32
C VAL B 174 9.19 -9.85 -17.83
N GLU B 175 10.19 -9.26 -18.46
CA GLU B 175 10.26 -9.19 -19.92
C GLU B 175 11.72 -9.46 -20.34
N SER B 176 11.87 -10.15 -21.45
CA SER B 176 13.14 -10.27 -22.16
C SER B 176 13.33 -9.13 -23.16
N ASP B 177 12.27 -8.53 -23.71
CA ASP B 177 12.45 -7.30 -24.56
C ASP B 177 12.64 -6.01 -23.76
N PRO B 178 13.72 -5.27 -24.01
CA PRO B 178 13.95 -4.06 -23.21
C PRO B 178 12.87 -2.97 -23.37
N HIS B 179 12.31 -2.81 -24.57
CA HIS B 179 11.31 -1.75 -24.75
C HIS B 179 10.13 -2.14 -23.91
N ALA B 180 9.80 -3.41 -23.94
CA ALA B 180 8.65 -3.92 -23.19
C ALA B 180 8.87 -3.74 -21.68
N LEU B 181 10.07 -4.14 -21.26
CA LEU B 181 10.43 -4.01 -19.88
C LEU B 181 10.18 -2.61 -19.39
N LEU B 182 10.78 -1.63 -20.04
CA LEU B 182 10.69 -0.26 -19.55
C LEU B 182 9.32 0.38 -19.72
N LYS B 183 8.57 -0.13 -20.69
CA LYS B 183 7.21 0.31 -20.93
C LYS B 183 6.34 -0.17 -19.77
N ALA B 184 6.51 -1.41 -19.37
CA ALA B 184 5.77 -1.90 -18.23
C ALA B 184 6.20 -1.18 -16.96
N MET B 185 7.45 -0.79 -16.86
CA MET B 185 7.84 -0.07 -15.66
C MET B 185 7.23 1.28 -15.59
N GLN B 186 7.02 1.91 -16.73
CA GLN B 186 6.51 3.28 -16.72
C GLN B 186 5.03 3.31 -16.43
N THR B 187 4.32 2.33 -16.97
CA THR B 187 2.90 2.28 -16.73
C THR B 187 2.54 1.49 -15.48
N TRP B 188 3.51 1.04 -14.70
CA TRP B 188 3.19 0.20 -13.54
C TRP B 188 2.59 1.04 -12.40
N THR B 189 1.54 0.50 -11.78
CA THR B 189 1.02 1.03 -10.51
C THR B 189 0.94 -0.12 -9.52
N PRO B 190 1.10 0.19 -8.23
CA PRO B 190 1.06 -0.88 -7.25
C PRO B 190 -0.36 -1.42 -7.12
N PRO B 191 -0.50 -2.71 -6.76
CA PRO B 191 -1.85 -3.24 -6.54
C PRO B 191 -2.47 -2.67 -5.25
N ALA B 192 -3.77 -2.42 -5.34
CA ALA B 192 -4.57 -1.91 -4.22
C ALA B 192 -4.50 -2.83 -3.04
N PRO B 193 -4.13 -2.31 -1.90
CA PRO B 193 -4.16 -3.17 -0.67
C PRO B 193 -5.55 -3.66 -0.36
N LYS B 194 -6.52 -2.79 -0.62
CA LYS B 194 -7.91 -3.13 -0.47
C LYS B 194 -8.26 -4.50 -1.03
N TRP B 195 -7.63 -4.94 -2.10
CA TRP B 195 -8.09 -6.21 -2.72
C TRP B 195 -7.15 -7.38 -2.83
N LEU B 196 -6.12 -7.43 -1.98
CA LEU B 196 -5.16 -8.52 -2.05
C LEU B 196 -5.77 -9.89 -1.65
N GLU B 197 -5.30 -10.97 -2.30
CA GLU B 197 -5.69 -12.37 -2.02
C GLU B 197 -4.97 -13.44 -2.92
N SER C 3 -34.89 16.49 -23.95
CA SER C 3 -34.92 17.92 -23.85
C SER C 3 -34.87 18.56 -22.48
N LEU C 4 -34.26 19.71 -22.50
CA LEU C 4 -33.99 20.60 -21.40
C LEU C 4 -35.30 21.26 -20.97
N PHE C 5 -36.21 21.43 -21.91
CA PHE C 5 -37.47 22.05 -21.62
C PHE C 5 -38.63 21.07 -21.69
N ASP C 6 -38.37 19.90 -21.17
CA ASP C 6 -39.33 18.86 -20.97
C ASP C 6 -39.11 18.29 -19.58
N ALA C 7 -40.10 17.63 -19.03
CA ALA C 7 -40.01 17.23 -17.61
C ALA C 7 -38.96 16.14 -17.39
N PRO C 8 -38.07 16.32 -16.40
CA PRO C 8 -37.13 15.22 -16.15
C PRO C 8 -37.90 14.00 -15.70
N THR C 9 -37.32 12.81 -15.87
CA THR C 9 -37.97 11.54 -15.43
C THR C 9 -36.92 10.49 -14.93
N LEU C 10 -37.36 9.49 -14.17
CA LEU C 10 -36.44 8.53 -13.54
C LEU C 10 -36.38 7.21 -14.32
N GLN C 11 -35.42 7.12 -15.22
CA GLN C 11 -35.25 5.91 -16.08
C GLN C 11 -34.03 5.07 -15.62
N ARG C 12 -33.08 5.70 -14.94
CA ARG C 12 -31.83 5.11 -14.48
C ARG C 12 -31.55 5.52 -13.05
N VAL C 13 -31.37 4.53 -12.17
CA VAL C 13 -30.78 4.78 -10.83
C VAL C 13 -29.31 4.40 -10.82
N THR C 14 -28.43 5.31 -10.40
CA THR C 14 -27.06 4.95 -10.09
C THR C 14 -27.03 4.27 -8.75
N VAL C 15 -26.42 3.09 -8.65
CA VAL C 15 -26.38 2.38 -7.38
C VAL C 15 -24.95 2.22 -6.84
N PHE C 16 -24.77 2.57 -5.56
CA PHE C 16 -23.51 2.37 -4.88
C PHE C 16 -23.70 1.24 -3.85
N THR C 17 -22.74 0.33 -3.80
CA THR C 17 -22.82 -0.83 -2.98
C THR C 17 -21.43 -1.47 -2.84
N GLY C 18 -21.30 -2.42 -1.92
CA GLY C 18 -19.97 -2.90 -1.49
C GLY C 18 -19.23 -3.67 -2.57
N SER C 19 -17.90 -3.55 -2.62
CA SER C 19 -17.08 -4.46 -3.43
C SER C 19 -16.88 -5.85 -2.78
N ALA C 20 -17.35 -6.04 -1.56
CA ALA C 20 -17.48 -7.36 -0.97
C ALA C 20 -18.95 -7.72 -0.82
N LEU C 21 -19.27 -8.93 -0.37
CA LEU C 21 -20.68 -9.31 -0.21
C LEU C 21 -21.24 -9.07 1.17
N GLY C 22 -20.35 -9.05 2.15
CA GLY C 22 -20.75 -8.95 3.53
C GLY C 22 -21.01 -10.29 4.14
N SER C 23 -21.06 -10.32 5.45
CA SER C 23 -21.08 -11.55 6.18
C SER C 23 -22.41 -12.28 6.17
N SER C 24 -23.45 -11.71 5.58
CA SER C 24 -24.71 -12.40 5.47
C SER C 24 -25.33 -12.26 4.12
N SER C 25 -25.98 -13.31 3.71
CA SER C 25 -26.54 -13.40 2.41
C SER C 25 -27.81 -12.60 2.31
N LEU C 26 -28.22 -12.01 3.41
CA LEU C 26 -29.35 -11.09 3.39
C LEU C 26 -29.12 -9.92 2.48
N TYR C 27 -27.88 -9.47 2.39
CA TYR C 27 -27.48 -8.38 1.53
C TYR C 27 -27.59 -8.75 0.09
N THR C 28 -27.17 -9.94 -0.26
CA THR C 28 -27.34 -10.42 -1.61
C THR C 28 -28.79 -10.50 -2.06
N GLN C 29 -29.66 -11.03 -1.21
CA GLN C 29 -31.07 -11.18 -1.64
C GLN C 29 -31.80 -9.86 -1.84
N ALA C 30 -31.55 -8.96 -0.89
CA ALA C 30 -32.18 -7.68 -0.92
C ALA C 30 -31.75 -6.92 -2.17
N ALA C 31 -30.49 -7.05 -2.55
CA ALA C 31 -30.03 -6.46 -3.82
C ALA C 31 -30.77 -7.04 -4.99
N GLN C 32 -31.02 -8.32 -4.96
CA GLN C 32 -31.81 -8.94 -6.02
C GLN C 32 -33.25 -8.50 -6.08
N THR C 33 -33.86 -8.41 -4.93
CA THR C 33 -35.20 -7.86 -4.83
C THR C 33 -35.28 -6.42 -5.34
N LEU C 34 -34.35 -5.57 -4.95
CA LEU C 34 -34.33 -4.24 -5.51
C LEU C 34 -34.25 -4.23 -7.03
N ALA C 35 -33.30 -5.02 -7.56
CA ALA C 35 -33.11 -5.17 -9.01
C ALA C 35 -34.43 -5.48 -9.66
N LYS C 36 -35.05 -6.55 -9.21
CA LYS C 36 -36.25 -7.03 -9.82
C LYS C 36 -37.28 -5.92 -9.78
N THR C 37 -37.48 -5.37 -8.58
CA THR C 37 -38.45 -4.33 -8.35
C THR C 37 -38.26 -3.22 -9.30
N ALA C 38 -37.02 -2.83 -9.49
CA ALA C 38 -36.72 -1.69 -10.34
C ALA C 38 -36.98 -1.94 -11.81
N VAL C 39 -36.68 -3.16 -12.25
CA VAL C 39 -36.79 -3.51 -13.63
C VAL C 39 -38.27 -3.57 -13.91
N ASP C 40 -39.04 -4.16 -13.00
CA ASP C 40 -40.49 -4.17 -13.19
C ASP C 40 -41.04 -2.75 -13.24
N ARG C 41 -40.37 -1.77 -12.64
CA ARG C 41 -40.87 -0.40 -12.76
C ARG C 41 -40.30 0.36 -13.94
N GLY C 42 -39.55 -0.32 -14.80
CA GLY C 42 -39.02 0.32 -15.98
C GLY C 42 -37.78 1.13 -15.69
N ILE C 43 -37.02 0.71 -14.69
CA ILE C 43 -35.83 1.45 -14.33
C ILE C 43 -34.59 0.63 -14.56
N ASP C 44 -33.58 1.24 -15.13
CA ASP C 44 -32.28 0.60 -15.39
C ASP C 44 -31.13 1.04 -14.46
N LEU C 45 -30.05 0.26 -14.45
CA LEU C 45 -28.94 0.46 -13.53
C LEU C 45 -27.75 1.19 -14.14
N VAL C 46 -27.15 2.10 -13.38
CA VAL C 46 -25.88 2.72 -13.73
C VAL C 46 -25.05 2.40 -12.50
N TYR C 47 -23.78 2.02 -12.64
CA TYR C 47 -22.97 1.63 -11.45
C TYR C 47 -21.50 1.58 -11.78
N GLY C 48 -20.65 1.19 -10.85
CA GLY C 48 -19.18 1.33 -11.00
C GLY C 48 -18.49 0.22 -11.82
N GLY C 49 -19.30 -0.70 -12.36
CA GLY C 49 -18.87 -1.58 -13.42
C GLY C 49 -18.25 -2.89 -12.99
N GLY C 50 -18.30 -3.20 -11.71
CA GLY C 50 -17.50 -4.28 -11.16
C GLY C 50 -18.28 -5.55 -11.18
N LYS C 51 -17.57 -6.67 -11.03
CA LYS C 51 -18.20 -8.00 -10.89
C LYS C 51 -18.01 -8.61 -9.52
N VAL C 52 -17.32 -7.93 -8.62
CA VAL C 52 -17.09 -8.44 -7.28
C VAL C 52 -18.15 -7.95 -6.29
N GLY C 53 -18.36 -8.73 -5.25
CA GLY C 53 -19.31 -8.40 -4.19
C GLY C 53 -20.70 -7.95 -4.62
N LEU C 54 -21.29 -7.04 -3.85
CA LEU C 54 -22.64 -6.62 -4.11
C LEU C 54 -22.77 -5.87 -5.45
N MET C 55 -21.70 -5.21 -5.92
CA MET C 55 -21.72 -4.65 -7.27
C MET C 55 -22.13 -5.72 -8.27
N GLY C 56 -21.40 -6.84 -8.26
CA GLY C 56 -21.59 -7.90 -9.28
C GLY C 56 -22.96 -8.54 -9.15
N ILE C 57 -23.41 -8.64 -7.90
CA ILE C 57 -24.69 -9.26 -7.56
C ILE C 57 -25.81 -8.42 -8.11
N VAL C 58 -25.68 -7.11 -7.96
CA VAL C 58 -26.78 -6.24 -8.30
C VAL C 58 -26.86 -6.09 -9.83
N ALA C 59 -25.70 -5.97 -10.50
CA ALA C 59 -25.68 -5.93 -11.96
C ALA C 59 -26.26 -7.21 -12.55
N ASP C 60 -25.80 -8.37 -12.10
CA ASP C 60 -26.36 -9.61 -12.60
C ASP C 60 -27.83 -9.63 -12.35
N ALA C 61 -28.27 -9.21 -11.16
CA ALA C 61 -29.71 -9.22 -10.86
C ALA C 61 -30.54 -8.37 -11.82
N PHE C 62 -29.96 -7.29 -12.33
CA PHE C 62 -30.71 -6.38 -13.21
C PHE C 62 -30.88 -6.99 -14.59
N LEU C 63 -29.79 -7.59 -15.10
CA LEU C 63 -29.76 -8.22 -16.45
C LEU C 63 -30.64 -9.45 -16.46
N GLU C 64 -30.49 -10.26 -15.42
CA GLU C 64 -31.25 -11.49 -15.30
C GLU C 64 -32.72 -11.20 -15.21
N SER C 65 -33.09 -10.03 -14.69
CA SER C 65 -34.50 -9.68 -14.57
C SER C 65 -35.10 -9.20 -15.88
N GLY C 66 -34.23 -8.83 -16.82
CA GLY C 66 -34.63 -8.41 -18.14
C GLY C 66 -34.33 -6.96 -18.44
N GLY C 67 -33.50 -6.31 -17.62
CA GLY C 67 -33.25 -4.88 -17.74
C GLY C 67 -31.86 -4.63 -18.26
N GLU C 68 -31.48 -3.37 -18.36
CA GLU C 68 -30.16 -2.98 -18.82
C GLU C 68 -29.22 -2.61 -17.63
N ALA C 69 -27.91 -2.60 -17.86
CA ALA C 69 -26.96 -2.23 -16.81
C ALA C 69 -25.74 -1.56 -17.42
N PHE C 70 -25.44 -0.34 -16.99
CA PHE C 70 -24.42 0.49 -17.60
C PHE C 70 -23.34 0.79 -16.58
N GLY C 71 -22.17 0.18 -16.75
CA GLY C 71 -21.05 0.36 -15.84
C GLY C 71 -20.13 1.47 -16.25
N VAL C 72 -19.33 1.95 -15.32
CA VAL C 72 -18.29 2.90 -15.62
C VAL C 72 -17.16 2.52 -14.72
N ILE C 73 -15.95 2.41 -15.25
CA ILE C 73 -14.93 1.71 -14.50
C ILE C 73 -13.61 2.36 -14.82
N THR C 74 -12.60 2.19 -13.96
CA THR C 74 -11.30 2.81 -14.26
C THR C 74 -10.39 1.84 -15.02
N GLU C 75 -9.39 2.39 -15.74
CA GLU C 75 -8.35 1.57 -16.36
C GLU C 75 -7.74 0.63 -15.35
N SER C 76 -7.31 1.13 -14.19
CA SER C 76 -6.64 0.23 -13.22
C SER C 76 -7.57 -0.84 -12.70
N LEU C 77 -8.82 -0.51 -12.45
CA LEU C 77 -9.73 -1.55 -11.97
C LEU C 77 -9.97 -2.60 -13.04
N MET C 78 -10.02 -2.15 -14.30
CA MET C 78 -10.32 -3.03 -15.45
C MET C 78 -9.22 -4.05 -15.59
N LYS C 79 -8.01 -3.53 -15.66
CA LYS C 79 -6.82 -4.31 -15.68
C LYS C 79 -6.54 -5.04 -14.35
N GLY C 80 -7.13 -4.59 -13.26
CA GLY C 80 -7.19 -5.40 -12.04
C GLY C 80 -8.15 -6.59 -12.16
N GLU C 81 -8.75 -6.80 -13.35
CA GLU C 81 -9.74 -7.87 -13.56
C GLU C 81 -10.97 -7.82 -12.63
N LEU C 82 -11.42 -6.61 -12.33
CA LEU C 82 -12.63 -6.46 -11.50
C LEU C 82 -13.93 -6.15 -12.31
N GLY C 83 -13.78 -5.99 -13.62
CA GLY C 83 -14.84 -5.59 -14.50
C GLY C 83 -15.81 -6.69 -14.79
N HIS C 84 -17.08 -6.32 -14.80
CA HIS C 84 -18.11 -7.12 -15.37
C HIS C 84 -17.92 -7.01 -16.88
N GLU C 85 -18.13 -8.12 -17.56
CA GLU C 85 -17.86 -8.18 -18.99
C GLU C 85 -19.12 -8.45 -19.82
N LYS C 86 -20.23 -8.74 -19.14
CA LYS C 86 -21.50 -9.06 -19.80
C LYS C 86 -22.56 -7.98 -19.57
N LEU C 87 -22.16 -6.72 -19.58
CA LEU C 87 -23.07 -5.64 -19.26
C LEU C 87 -23.58 -5.11 -20.54
N THR C 88 -24.68 -4.39 -20.44
CA THR C 88 -25.27 -3.71 -21.56
C THR C 88 -24.30 -2.72 -22.14
N GLU C 89 -23.48 -2.13 -21.30
CA GLU C 89 -22.48 -1.18 -21.77
C GLU C 89 -21.49 -1.00 -20.66
N LEU C 90 -20.24 -0.76 -21.02
CA LEU C 90 -19.15 -0.62 -20.08
C LEU C 90 -18.31 0.48 -20.65
N GLU C 91 -18.37 1.61 -19.98
CA GLU C 91 -17.51 2.70 -20.29
C GLU C 91 -16.28 2.59 -19.38
N ILE C 92 -15.11 2.90 -19.95
CA ILE C 92 -13.86 2.88 -19.25
C ILE C 92 -13.30 4.28 -19.28
N VAL C 93 -12.83 4.75 -18.12
CA VAL C 93 -12.36 6.11 -17.98
C VAL C 93 -11.03 6.07 -17.26
N PRO C 94 -10.29 7.18 -17.30
CA PRO C 94 -8.93 7.23 -16.72
C PRO C 94 -8.85 7.12 -15.20
N ASP C 95 -9.67 7.89 -14.48
CA ASP C 95 -9.54 8.01 -13.04
C ASP C 95 -10.90 7.91 -12.33
N MET C 96 -10.87 8.04 -11.00
CA MET C 96 -12.06 7.89 -10.17
C MET C 96 -13.00 9.08 -10.20
N HIS C 97 -12.44 10.26 -10.30
CA HIS C 97 -13.27 11.42 -10.50
C HIS C 97 -14.12 11.34 -11.75
N ILE C 98 -13.49 11.13 -12.90
CA ILE C 98 -14.27 11.11 -14.12
C ILE C 98 -15.27 9.97 -13.98
N ARG C 99 -14.87 8.84 -13.41
CA ARG C 99 -15.85 7.78 -13.10
C ARG C 99 -17.12 8.23 -12.37
N LYS C 100 -16.92 8.95 -11.28
CA LYS C 100 -18.01 9.49 -10.49
C LYS C 100 -18.81 10.54 -11.25
N ARG C 101 -18.09 11.49 -11.84
CA ARG C 101 -18.73 12.50 -12.67
C ARG C 101 -19.67 11.78 -13.68
N ARG C 102 -19.22 10.72 -14.33
CA ARG C 102 -20.07 10.08 -15.31
C ARG C 102 -21.24 9.37 -14.68
N MET C 103 -21.04 8.66 -13.57
CA MET C 103 -22.17 7.98 -12.91
C MET C 103 -23.22 8.97 -12.40
N ALA C 104 -22.76 10.16 -12.03
CA ALA C 104 -23.63 11.27 -11.67
C ALA C 104 -24.44 11.83 -12.90
N GLU C 105 -23.77 12.10 -14.03
CA GLU C 105 -24.46 12.57 -15.28
C GLU C 105 -25.51 11.55 -15.69
N LEU C 106 -25.17 10.29 -15.58
CA LEU C 106 -25.96 9.26 -16.24
C LEU C 106 -27.16 8.82 -15.42
N GLY C 107 -27.04 8.90 -14.11
CA GLY C 107 -28.14 8.46 -13.29
C GLY C 107 -29.13 9.57 -13.08
N ASP C 108 -30.38 9.20 -12.82
CA ASP C 108 -31.42 10.16 -12.49
C ASP C 108 -31.69 10.23 -11.00
N GLY C 109 -31.08 9.35 -10.25
CA GLY C 109 -31.13 9.32 -8.78
C GLY C 109 -30.08 8.36 -8.23
N PHE C 110 -29.95 8.28 -6.93
CA PHE C 110 -28.87 7.52 -6.32
C PHE C 110 -29.37 6.69 -5.17
N ILE C 111 -28.90 5.46 -5.11
CA ILE C 111 -29.21 4.55 -4.03
C ILE C 111 -27.91 3.97 -3.45
N ALA C 112 -27.75 4.03 -2.14
CA ALA C 112 -26.61 3.38 -1.47
C ALA C 112 -27.15 2.18 -0.76
N MET C 113 -26.79 1.00 -1.26
CA MET C 113 -27.06 -0.25 -0.53
C MET C 113 -25.88 -0.48 0.38
N PRO C 114 -25.91 -1.54 1.16
CA PRO C 114 -24.75 -1.79 2.01
C PRO C 114 -23.37 -1.88 1.28
N GLY C 115 -22.31 -1.46 2.03
CA GLY C 115 -20.96 -1.29 1.54
C GLY C 115 -19.97 -0.77 2.61
N GLY C 116 -18.80 -0.42 2.15
CA GLY C 116 -17.81 0.13 3.00
C GLY C 116 -17.48 1.59 2.75
N ALA C 117 -16.22 1.90 2.94
CA ALA C 117 -15.72 3.24 2.78
C ALA C 117 -15.99 3.83 1.40
N GLY C 118 -15.81 2.99 0.38
CA GLY C 118 -15.98 3.42 -1.01
C GLY C 118 -17.44 3.70 -1.32
N THR C 119 -18.34 2.84 -0.84
CA THR C 119 -19.73 3.18 -0.89
C THR C 119 -20.05 4.50 -0.16
N LEU C 120 -19.44 4.71 0.98
CA LEU C 120 -19.66 5.96 1.69
C LEU C 120 -19.10 7.14 0.95
N GLU C 121 -17.96 6.97 0.37
CA GLU C 121 -17.34 8.05 -0.37
C GLU C 121 -18.30 8.58 -1.45
N GLU C 122 -18.86 7.64 -2.22
CA GLU C 122 -19.69 7.96 -3.37
C GLU C 122 -21.01 8.58 -2.93
N LEU C 123 -21.57 8.01 -1.88
CA LEU C 123 -22.81 8.49 -1.29
C LEU C 123 -22.68 9.94 -0.83
N PHE C 124 -21.66 10.19 -0.06
CA PHE C 124 -21.52 11.48 0.56
C PHE C 124 -21.25 12.55 -0.45
N GLU C 125 -20.58 12.17 -1.53
CA GLU C 125 -20.42 13.10 -2.60
C GLU C 125 -21.75 13.47 -3.25
N VAL C 126 -22.52 12.49 -3.73
CA VAL C 126 -23.73 12.85 -4.43
C VAL C 126 -24.66 13.55 -3.46
N TRP C 127 -24.61 13.20 -2.17
CA TRP C 127 -25.49 13.88 -1.22
C TRP C 127 -25.06 15.33 -0.96
N THR C 128 -23.76 15.55 -0.82
CA THR C 128 -23.27 16.89 -0.63
C THR C 128 -23.58 17.71 -1.86
N TRP C 129 -23.55 17.10 -3.05
CA TRP C 129 -23.81 17.86 -4.27
C TRP C 129 -25.28 18.20 -4.38
N GLN C 130 -26.18 17.38 -3.84
CA GLN C 130 -27.57 17.75 -3.78
C GLN C 130 -27.73 18.98 -2.87
N GLN C 131 -27.06 18.92 -1.73
CA GLN C 131 -27.07 20.00 -0.77
C GLN C 131 -26.69 21.30 -1.43
N LEU C 132 -25.67 21.25 -2.27
CA LEU C 132 -25.03 22.43 -2.81
C LEU C 132 -25.72 22.91 -4.06
N GLY C 133 -26.68 22.13 -4.55
CA GLY C 133 -27.45 22.57 -5.66
C GLY C 133 -26.85 22.16 -6.97
N ILE C 134 -25.75 21.40 -6.94
CA ILE C 134 -25.18 20.87 -8.18
C ILE C 134 -26.11 19.91 -8.89
N HIS C 135 -26.98 19.24 -8.16
CA HIS C 135 -28.00 18.47 -8.85
C HIS C 135 -29.21 18.39 -7.96
N GLN C 136 -30.32 17.94 -8.53
CA GLN C 136 -31.58 17.90 -7.81
C GLN C 136 -32.26 16.53 -7.84
N LYS C 137 -31.47 15.48 -7.78
CA LYS C 137 -31.94 14.15 -7.92
C LYS C 137 -32.02 13.50 -6.56
N PRO C 138 -32.94 12.52 -6.45
CA PRO C 138 -33.15 11.99 -5.17
C PRO C 138 -31.95 11.17 -4.73
N VAL C 139 -31.70 11.10 -3.43
CA VAL C 139 -30.73 10.21 -2.81
C VAL C 139 -31.39 9.35 -1.74
N ALA C 140 -31.21 8.03 -1.87
CA ALA C 140 -31.79 7.05 -0.97
C ALA C 140 -30.79 6.04 -0.39
N LEU C 141 -31.09 5.62 0.85
CA LEU C 141 -30.38 4.54 1.52
C LEU C 141 -31.31 3.34 1.57
N TYR C 142 -30.87 2.23 1.02
CA TYR C 142 -31.54 0.97 1.13
C TYR C 142 -31.12 0.32 2.44
N ASP C 143 -32.03 0.41 3.43
CA ASP C 143 -31.74 0.06 4.83
C ASP C 143 -32.00 -1.41 5.11
N VAL C 144 -31.19 -2.25 4.48
CA VAL C 144 -31.30 -3.70 4.64
C VAL C 144 -30.92 -4.09 6.06
N ASP C 145 -31.88 -4.65 6.78
CA ASP C 145 -31.69 -5.20 8.11
C ASP C 145 -31.14 -4.15 9.08
N GLY C 146 -31.67 -2.94 8.98
CA GLY C 146 -31.19 -1.74 9.71
C GLY C 146 -29.73 -1.36 9.56
N PHE C 147 -29.14 -1.66 8.40
CA PHE C 147 -27.71 -1.49 8.16
C PHE C 147 -27.26 -0.04 8.41
N TRP C 148 -28.09 0.89 7.96
CA TRP C 148 -27.72 2.28 7.83
C TRP C 148 -28.09 3.08 9.06
N GLN C 149 -28.57 2.41 10.09
CA GLN C 149 -29.07 3.05 11.31
C GLN C 149 -27.99 3.76 12.15
N PRO C 150 -26.80 3.17 12.29
CA PRO C 150 -25.77 3.95 13.00
C PRO C 150 -25.40 5.23 12.28
N LEU C 151 -25.44 5.20 10.95
CA LEU C 151 -25.11 6.40 10.15
C LEU C 151 -26.20 7.48 10.33
N LEU C 152 -27.46 7.07 10.40
CA LEU C 152 -28.55 8.02 10.69
C LEU C 152 -28.40 8.68 12.06
N GLU C 153 -28.03 7.87 13.08
CA GLU C 153 -27.63 8.41 14.37
C GLU C 153 -26.57 9.47 14.22
N MET C 154 -25.53 9.21 13.42
CA MET C 154 -24.46 10.19 13.15
C MET C 154 -25.04 11.48 12.58
N LEU C 155 -25.92 11.31 11.60
CA LEU C 155 -26.42 12.43 10.90
C LEU C 155 -27.39 13.19 11.79
N GLU C 156 -28.16 12.46 12.58
CA GLU C 156 -29.10 13.09 13.46
C GLU C 156 -28.30 13.96 14.40
N GLN C 157 -27.26 13.40 15.03
CA GLN C 157 -26.43 14.20 15.96
C GLN C 157 -25.81 15.38 15.24
N MET C 158 -25.45 15.21 13.99
CA MET C 158 -24.88 16.32 13.26
C MET C 158 -25.95 17.34 13.04
N THR C 159 -27.17 16.93 12.77
CA THR C 159 -28.19 17.90 12.50
C THR C 159 -28.38 18.70 13.81
N GLN C 160 -28.48 18.02 14.93
CA GLN C 160 -28.58 18.74 16.21
C GLN C 160 -27.43 19.67 16.55
N ARG C 161 -26.22 19.44 16.07
CA ARG C 161 -25.14 20.35 16.41
C ARG C 161 -24.96 21.49 15.42
N GLY C 162 -25.84 21.57 14.44
CA GLY C 162 -25.77 22.70 13.55
C GLY C 162 -24.98 22.48 12.26
N PHE C 163 -24.37 21.32 12.09
CA PHE C 163 -23.54 21.04 10.91
C PHE C 163 -24.29 20.58 9.61
N ILE C 164 -25.57 20.26 9.73
CA ILE C 164 -26.42 19.90 8.61
C ILE C 164 -27.77 20.51 8.89
N LYS C 165 -28.34 21.17 7.92
CA LYS C 165 -29.69 21.68 8.03
C LYS C 165 -30.70 20.58 8.10
N ARG C 166 -31.71 20.71 8.94
CA ARG C 166 -32.74 19.70 9.07
C ARG C 166 -33.65 19.50 7.86
N ASP C 167 -34.05 20.58 7.20
CA ASP C 167 -34.85 20.49 5.99
C ASP C 167 -34.14 19.60 5.00
N PHE C 168 -32.82 19.74 4.93
CA PHE C 168 -31.97 18.93 4.08
C PHE C 168 -31.89 17.49 4.55
N PHE C 169 -31.60 17.30 5.81
CA PHE C 169 -31.51 15.98 6.40
C PHE C 169 -32.78 15.21 6.15
N GLU C 170 -33.90 15.89 6.19
CA GLU C 170 -35.22 15.26 6.13
C GLU C 170 -35.62 14.78 4.73
N CYS C 171 -34.94 15.27 3.71
CA CYS C 171 -35.25 14.85 2.36
C CYS C 171 -34.57 13.59 1.91
N LEU C 172 -33.72 13.07 2.77
CA LEU C 172 -32.98 11.87 2.48
C LEU C 172 -33.89 10.71 2.63
N ILE C 173 -33.97 9.88 1.60
CA ILE C 173 -34.83 8.73 1.58
C ILE C 173 -34.13 7.59 2.32
N VAL C 174 -34.86 6.90 3.19
CA VAL C 174 -34.34 5.78 3.95
C VAL C 174 -35.41 4.72 4.07
N GLU C 175 -35.18 3.58 3.43
CA GLU C 175 -36.18 2.51 3.32
C GLU C 175 -35.57 1.10 3.23
N SER C 176 -36.17 0.15 3.92
CA SER C 176 -35.82 -1.26 3.79
C SER C 176 -36.69 -1.88 2.69
N ASP C 177 -37.92 -1.39 2.53
CA ASP C 177 -38.80 -1.91 1.46
C ASP C 177 -38.42 -1.34 0.09
N PRO C 178 -38.24 -2.24 -0.90
CA PRO C 178 -37.85 -1.77 -2.23
C PRO C 178 -38.90 -0.99 -2.98
N HIS C 179 -40.17 -1.35 -2.84
CA HIS C 179 -41.24 -0.59 -3.51
C HIS C 179 -41.35 0.83 -2.92
N ALA C 180 -41.19 0.90 -1.60
CA ALA C 180 -41.21 2.14 -0.90
C ALA C 180 -40.05 3.07 -1.31
N LEU C 181 -38.86 2.49 -1.43
CA LEU C 181 -37.67 3.23 -1.81
C LEU C 181 -37.81 3.88 -3.18
N LEU C 182 -38.33 3.13 -4.14
CA LEU C 182 -38.36 3.59 -5.51
C LEU C 182 -39.53 4.53 -5.74
N LYS C 183 -40.66 4.22 -5.13
CA LYS C 183 -41.84 5.09 -5.15
C LYS C 183 -41.45 6.45 -4.58
N ALA C 184 -40.78 6.45 -3.44
CA ALA C 184 -40.28 7.71 -2.89
C ALA C 184 -39.39 8.41 -3.89
N MET C 185 -38.53 7.67 -4.57
CA MET C 185 -37.63 8.25 -5.54
C MET C 185 -38.35 8.75 -6.75
N GLN C 186 -39.35 8.00 -7.17
CA GLN C 186 -40.14 8.39 -8.36
C GLN C 186 -40.98 9.65 -8.15
N THR C 187 -41.38 9.92 -6.92
CA THR C 187 -42.21 11.08 -6.63
C THR C 187 -41.39 12.33 -6.33
N TRP C 188 -40.09 12.31 -6.58
CA TRP C 188 -39.24 13.32 -5.94
C TRP C 188 -39.25 14.70 -6.59
N THR C 189 -39.30 15.69 -5.68
CA THR C 189 -39.14 17.13 -5.91
C THR C 189 -38.43 17.70 -4.63
N PRO C 190 -37.38 18.53 -4.82
CA PRO C 190 -36.63 19.03 -3.64
C PRO C 190 -37.30 20.22 -2.91
N THR D 2 14.34 12.94 4.39
CA THR D 2 13.63 11.72 4.72
C THR D 2 14.26 10.55 3.98
N SER D 3 15.12 9.82 4.67
CA SER D 3 15.58 8.53 4.24
C SER D 3 14.37 7.64 3.94
N LEU D 4 14.65 6.56 3.24
CA LEU D 4 13.71 5.56 2.87
C LEU D 4 12.93 4.92 3.99
N PHE D 5 13.52 4.80 5.16
CA PHE D 5 12.90 4.17 6.28
C PHE D 5 12.03 5.11 7.09
N ASP D 6 12.16 6.40 6.86
CA ASP D 6 11.42 7.42 7.64
C ASP D 6 10.11 7.79 7.00
N ALA D 7 9.11 8.17 7.78
CA ALA D 7 7.91 8.83 7.22
C ALA D 7 8.32 10.21 6.76
N PRO D 8 7.73 10.71 5.66
CA PRO D 8 8.02 12.10 5.31
C PRO D 8 7.68 13.04 6.48
N THR D 9 8.48 14.09 6.66
CA THR D 9 8.14 15.15 7.58
C THR D 9 6.80 15.78 7.18
N LEU D 10 5.93 16.01 8.15
CA LEU D 10 4.72 16.76 7.89
C LEU D 10 4.98 18.24 7.85
N GLN D 11 4.74 18.83 6.70
CA GLN D 11 4.96 20.25 6.56
C GLN D 11 3.65 21.00 6.40
N ARG D 12 2.69 20.28 5.85
CA ARG D 12 1.42 20.84 5.52
C ARG D 12 0.41 19.80 5.86
N VAL D 13 -0.68 20.25 6.43
CA VAL D 13 -1.72 19.34 6.76
C VAL D 13 -3.00 19.82 6.16
N THR D 14 -3.68 18.96 5.44
CA THR D 14 -4.95 19.34 4.86
C THR D 14 -6.05 19.10 5.89
N VAL D 15 -6.93 20.08 6.09
CA VAL D 15 -7.97 20.06 7.14
C VAL D 15 -9.34 20.21 6.53
N PHE D 16 -10.23 19.30 6.88
CA PHE D 16 -11.58 19.37 6.42
C PHE D 16 -12.50 19.76 7.57
N THR D 17 -13.31 20.79 7.35
CA THR D 17 -14.31 21.22 8.32
C THR D 17 -15.42 22.00 7.66
N GLY D 18 -16.52 22.20 8.37
CA GLY D 18 -17.72 22.87 7.78
C GLY D 18 -17.70 24.41 7.59
N SER D 19 -18.65 24.87 6.80
CA SER D 19 -19.05 26.28 6.79
C SER D 19 -19.77 26.63 8.06
N ALA D 20 -20.33 25.61 8.72
CA ALA D 20 -20.94 25.78 10.02
C ALA D 20 -19.95 25.97 11.14
N LEU D 21 -20.48 26.44 12.26
CA LEU D 21 -19.69 26.82 13.44
C LEU D 21 -19.82 25.83 14.57
N GLY D 22 -20.88 25.02 14.53
CA GLY D 22 -21.21 24.11 15.62
C GLY D 22 -22.14 24.78 16.62
N SER D 23 -22.64 23.97 17.55
CA SER D 23 -23.63 24.41 18.53
C SER D 23 -22.96 24.85 19.85
N SER D 24 -21.63 24.89 19.93
CA SER D 24 -20.96 25.45 21.09
C SER D 24 -19.57 26.06 20.86
N SER D 25 -19.05 26.75 21.86
CA SER D 25 -17.76 27.41 21.76
C SER D 25 -16.63 26.43 21.72
N LEU D 26 -16.95 25.18 21.93
CA LEU D 26 -15.92 24.19 22.14
C LEU D 26 -15.29 23.89 20.78
N TYR D 27 -16.12 23.86 19.76
CA TYR D 27 -15.65 23.59 18.41
C TYR D 27 -14.67 24.68 17.95
N THR D 28 -15.06 25.94 18.18
CA THR D 28 -14.17 27.05 17.90
C THR D 28 -12.89 26.94 18.68
N GLN D 29 -12.99 26.65 19.97
CA GLN D 29 -11.76 26.53 20.75
C GLN D 29 -10.85 25.39 20.30
N ALA D 30 -11.46 24.26 19.95
CA ALA D 30 -10.71 23.13 19.46
C ALA D 30 -9.96 23.44 18.17
N ALA D 31 -10.60 24.17 17.27
CA ALA D 31 -9.87 24.58 16.04
C ALA D 31 -8.63 25.43 16.33
N GLN D 32 -8.72 26.31 17.32
CA GLN D 32 -7.71 27.31 17.58
C GLN D 32 -6.55 26.66 18.26
N THR D 33 -6.83 25.79 19.22
CA THR D 33 -5.76 24.93 19.76
C THR D 33 -5.08 24.06 18.72
N LEU D 34 -5.86 23.46 17.84
CA LEU D 34 -5.23 22.67 16.83
C LEU D 34 -4.24 23.49 16.01
N ALA D 35 -4.63 24.70 15.62
CA ALA D 35 -3.73 25.56 14.84
C ALA D 35 -2.52 26.07 15.66
N LYS D 36 -2.73 26.46 16.89
CA LYS D 36 -1.63 26.88 17.68
C LYS D 36 -0.64 25.77 17.87
N THR D 37 -1.11 24.54 18.06
CA THR D 37 -0.22 23.36 18.21
C THR D 37 0.56 23.03 16.95
N ALA D 38 -0.10 23.12 15.81
CA ALA D 38 0.49 22.77 14.53
C ALA D 38 1.53 23.76 14.11
N VAL D 39 1.22 25.03 14.23
CA VAL D 39 2.17 26.07 13.89
C VAL D 39 3.38 25.92 14.76
N ASP D 40 3.19 25.69 16.05
CA ASP D 40 4.31 25.44 16.97
C ASP D 40 5.21 24.29 16.53
N ARG D 41 4.63 23.20 16.05
CA ARG D 41 5.40 22.08 15.53
C ARG D 41 5.82 22.32 14.07
N GLY D 42 5.65 23.53 13.54
CA GLY D 42 6.18 23.84 12.20
C GLY D 42 5.34 23.47 11.01
N ILE D 43 4.05 23.18 11.21
CA ILE D 43 3.13 22.72 10.14
C ILE D 43 2.15 23.81 9.74
N ASP D 44 1.88 23.92 8.45
CA ASP D 44 1.05 24.97 7.92
C ASP D 44 -0.20 24.33 7.36
N LEU D 45 -1.15 25.13 6.88
CA LEU D 45 -2.49 24.61 6.65
C LEU D 45 -2.82 24.55 5.20
N VAL D 46 -3.45 23.47 4.74
CA VAL D 46 -4.05 23.45 3.45
C VAL D 46 -5.50 23.20 3.70
N TYR D 47 -6.38 23.89 2.98
CA TYR D 47 -7.82 23.79 3.27
C TYR D 47 -8.60 24.40 2.13
N GLY D 48 -9.91 24.34 2.24
CA GLY D 48 -10.78 24.71 1.12
C GLY D 48 -10.95 26.22 0.90
N GLY D 49 -10.24 27.04 1.66
CA GLY D 49 -10.18 28.46 1.38
C GLY D 49 -11.36 29.33 1.75
N GLY D 50 -12.28 28.79 2.54
CA GLY D 50 -13.41 29.55 3.03
C GLY D 50 -13.10 30.52 4.16
N LYS D 51 -14.03 31.44 4.39
CA LYS D 51 -13.95 32.26 5.57
C LYS D 51 -15.08 31.98 6.54
N VAL D 52 -16.17 31.33 6.17
CA VAL D 52 -17.25 31.15 7.14
C VAL D 52 -17.08 29.96 8.11
N GLY D 53 -17.58 30.11 9.35
CA GLY D 53 -17.63 29.06 10.33
C GLY D 53 -16.25 28.56 10.72
N LEU D 54 -16.15 27.26 10.99
CA LEU D 54 -14.88 26.67 11.46
C LEU D 54 -13.76 26.81 10.44
N MET D 55 -14.09 26.77 9.13
CA MET D 55 -13.09 27.06 8.11
C MET D 55 -12.39 28.36 8.39
N GLY D 56 -13.14 29.44 8.57
CA GLY D 56 -12.52 30.74 8.82
C GLY D 56 -11.70 30.77 10.11
N ILE D 57 -12.24 30.08 11.10
CA ILE D 57 -11.66 30.03 12.41
C ILE D 57 -10.29 29.41 12.35
N VAL D 58 -10.25 28.27 11.63
CA VAL D 58 -9.02 27.48 11.59
C VAL D 58 -7.96 28.21 10.81
N ALA D 59 -8.36 28.76 9.68
CA ALA D 59 -7.46 29.57 8.88
C ALA D 59 -6.92 30.79 9.64
N ASP D 60 -7.78 31.53 10.32
CA ASP D 60 -7.36 32.70 11.02
C ASP D 60 -6.43 32.32 12.10
N ALA D 61 -6.76 31.26 12.82
CA ALA D 61 -5.92 30.89 13.91
C ALA D 61 -4.52 30.46 13.41
N PHE D 62 -4.43 29.91 12.21
CA PHE D 62 -3.11 29.57 11.70
C PHE D 62 -2.30 30.84 11.42
N LEU D 63 -2.94 31.85 10.82
CA LEU D 63 -2.23 33.05 10.40
C LEU D 63 -1.89 33.85 11.63
N GLU D 64 -2.84 33.92 12.55
CA GLU D 64 -2.64 34.66 13.79
C GLU D 64 -1.52 34.07 14.64
N SER D 65 -1.26 32.78 14.52
CA SER D 65 -0.13 32.15 15.23
C SER D 65 1.15 32.42 14.46
N GLY D 66 1.01 32.83 13.21
CA GLY D 66 2.15 33.08 12.36
C GLY D 66 2.53 31.92 11.46
N GLY D 67 1.60 31.03 11.15
CA GLY D 67 1.88 30.00 10.15
C GLY D 67 1.32 30.51 8.84
N GLU D 68 1.40 29.67 7.80
CA GLU D 68 0.82 29.96 6.50
C GLU D 68 -0.41 29.12 6.26
N ALA D 69 -1.22 29.57 5.30
CA ALA D 69 -2.48 28.90 4.93
C ALA D 69 -2.65 28.94 3.45
N PHE D 70 -2.90 27.77 2.87
CA PHE D 70 -3.11 27.63 1.46
C PHE D 70 -4.52 27.17 1.29
N GLY D 71 -5.32 27.89 0.51
CA GLY D 71 -6.68 27.47 0.28
C GLY D 71 -6.80 26.97 -1.12
N VAL D 72 -7.83 26.17 -1.36
CA VAL D 72 -8.18 25.72 -2.66
C VAL D 72 -9.70 25.81 -2.76
N ILE D 73 -10.19 26.64 -3.67
CA ILE D 73 -11.59 26.98 -3.73
C ILE D 73 -12.07 26.88 -5.17
N THR D 74 -13.38 26.75 -5.40
CA THR D 74 -13.88 26.79 -6.76
C THR D 74 -14.26 28.20 -7.21
N GLU D 75 -14.49 28.35 -8.51
CA GLU D 75 -14.87 29.63 -9.10
C GLU D 75 -16.19 30.05 -8.54
N SER D 76 -17.15 29.14 -8.44
CA SER D 76 -18.51 29.50 -8.03
C SER D 76 -18.66 29.98 -6.56
N LEU D 77 -17.71 29.58 -5.71
CA LEU D 77 -17.64 30.03 -4.32
C LEU D 77 -16.86 31.35 -4.22
N MET D 78 -15.94 31.56 -5.13
CA MET D 78 -15.30 32.86 -5.20
C MET D 78 -16.33 33.91 -5.62
N LYS D 79 -17.19 33.52 -6.55
CA LYS D 79 -18.29 34.34 -7.00
C LYS D 79 -19.31 34.55 -5.90
N GLY D 80 -19.38 33.64 -4.93
CA GLY D 80 -20.25 33.81 -3.78
C GLY D 80 -19.70 34.68 -2.64
N GLU D 81 -18.47 35.19 -2.77
CA GLU D 81 -17.79 35.96 -1.72
C GLU D 81 -17.50 35.12 -0.46
N LEU D 82 -17.45 33.80 -0.64
CA LEU D 82 -17.24 32.89 0.47
C LEU D 82 -15.74 32.73 0.74
N GLY D 83 -14.91 33.23 -0.16
CA GLY D 83 -13.47 33.06 -0.03
C GLY D 83 -12.85 33.88 1.07
N HIS D 84 -11.72 33.45 1.56
CA HIS D 84 -10.99 34.13 2.60
C HIS D 84 -10.08 35.08 1.86
N GLU D 85 -9.78 36.23 2.46
CA GLU D 85 -9.09 37.32 1.76
C GLU D 85 -7.68 37.57 2.21
N LYS D 86 -7.20 36.87 3.21
CA LYS D 86 -5.83 37.09 3.67
C LYS D 86 -5.01 35.81 3.73
N LEU D 87 -5.26 34.87 2.83
CA LEU D 87 -4.49 33.66 2.84
C LEU D 87 -3.15 33.93 2.21
N THR D 88 -2.19 33.09 2.60
CA THR D 88 -0.89 33.06 1.96
C THR D 88 -0.96 32.73 0.48
N GLU D 89 -1.88 31.87 0.06
CA GLU D 89 -2.06 31.59 -1.35
C GLU D 89 -3.48 31.05 -1.47
N LEU D 90 -4.08 31.17 -2.65
CA LEU D 90 -5.39 30.63 -2.87
C LEU D 90 -5.59 30.27 -4.35
N GLU D 91 -5.82 28.98 -4.63
CA GLU D 91 -6.02 28.50 -6.00
C GLU D 91 -7.47 28.42 -6.23
N ILE D 92 -7.88 28.96 -7.36
CA ILE D 92 -9.26 28.86 -7.75
C ILE D 92 -9.35 27.78 -8.81
N VAL D 93 -10.26 26.84 -8.67
CA VAL D 93 -10.30 25.75 -9.64
C VAL D 93 -11.69 25.60 -10.26
N PRO D 94 -11.75 25.04 -11.45
CA PRO D 94 -13.04 24.83 -12.10
C PRO D 94 -14.12 24.13 -11.27
N ASP D 95 -13.86 22.93 -10.72
CA ASP D 95 -14.96 22.10 -10.16
C ASP D 95 -14.64 21.43 -8.80
N MET D 96 -15.65 20.78 -8.21
CA MET D 96 -15.50 20.15 -6.87
C MET D 96 -14.41 19.09 -6.82
N HIS D 97 -14.38 18.24 -7.86
CA HIS D 97 -13.36 17.16 -7.97
C HIS D 97 -11.93 17.68 -7.97
N ILE D 98 -11.65 18.65 -8.83
CA ILE D 98 -10.32 19.14 -8.92
C ILE D 98 -9.91 19.76 -7.57
N ARG D 99 -10.87 20.32 -6.86
CA ARG D 99 -10.59 20.95 -5.58
C ARG D 99 -10.06 19.94 -4.55
N LYS D 100 -10.74 18.79 -4.51
CA LYS D 100 -10.34 17.68 -3.63
C LYS D 100 -9.00 17.09 -3.99
N ARG D 101 -8.86 16.74 -5.26
CA ARG D 101 -7.58 16.26 -5.77
C ARG D 101 -6.46 17.19 -5.35
N ARG D 102 -6.63 18.47 -5.48
CA ARG D 102 -5.49 19.37 -5.22
C ARG D 102 -5.18 19.45 -3.73
N MET D 103 -6.22 19.52 -2.90
CA MET D 103 -6.05 19.48 -1.46
C MET D 103 -5.30 18.23 -1.06
N ALA D 104 -5.61 17.12 -1.74
CA ALA D 104 -4.88 15.86 -1.48
C ALA D 104 -3.43 15.90 -1.90
N GLU D 105 -3.18 16.55 -3.04
CA GLU D 105 -1.81 16.73 -3.53
C GLU D 105 -1.01 17.64 -2.55
N LEU D 106 -1.59 18.73 -2.07
CA LEU D 106 -0.82 19.68 -1.28
C LEU D 106 -0.47 19.23 0.13
N GLY D 107 -1.38 18.51 0.74
CA GLY D 107 -1.21 18.07 2.13
C GLY D 107 -0.35 16.83 2.23
N ASP D 108 0.35 16.73 3.37
CA ASP D 108 1.14 15.55 3.80
C ASP D 108 0.35 14.65 4.77
N GLY D 109 -0.85 15.06 5.13
CA GLY D 109 -1.73 14.27 6.01
C GLY D 109 -3.11 14.90 6.03
N PHE D 110 -4.07 14.22 6.60
CA PHE D 110 -5.42 14.71 6.53
C PHE D 110 -6.01 14.62 7.88
N ILE D 111 -6.77 15.66 8.21
CA ILE D 111 -7.45 15.83 9.48
C ILE D 111 -8.90 16.25 9.25
N ALA D 112 -9.84 15.40 9.66
CA ALA D 112 -11.25 15.77 9.63
C ALA D 112 -11.69 16.28 11.01
N MET D 113 -11.96 17.61 11.09
CA MET D 113 -12.65 18.21 12.23
C MET D 113 -14.14 18.07 12.09
N PRO D 114 -14.90 18.37 13.15
CA PRO D 114 -16.35 18.44 12.99
C PRO D 114 -16.79 19.30 11.81
N GLY D 115 -17.80 18.83 11.13
CA GLY D 115 -18.20 19.45 9.91
C GLY D 115 -19.44 18.78 9.38
N GLY D 116 -19.84 19.19 8.18
CA GLY D 116 -21.09 18.73 7.59
C GLY D 116 -20.90 17.56 6.64
N ALA D 117 -21.85 17.41 5.70
CA ALA D 117 -21.84 16.29 4.76
C ALA D 117 -20.61 16.34 3.88
N GLY D 118 -20.12 17.51 3.55
CA GLY D 118 -18.95 17.59 2.71
C GLY D 118 -17.66 17.28 3.44
N THR D 119 -17.61 17.51 4.73
CA THR D 119 -16.44 17.14 5.49
C THR D 119 -16.36 15.60 5.55
N LEU D 120 -17.51 14.93 5.64
CA LEU D 120 -17.52 13.48 5.66
C LEU D 120 -17.09 12.94 4.31
N GLU D 121 -17.64 13.53 3.28
CA GLU D 121 -17.27 13.25 1.92
C GLU D 121 -15.76 13.29 1.70
N GLU D 122 -15.13 14.37 2.14
CA GLU D 122 -13.74 14.53 1.90
C GLU D 122 -13.02 13.44 2.66
N LEU D 123 -13.50 13.16 3.86
CA LEU D 123 -12.77 12.24 4.72
C LEU D 123 -12.84 10.84 4.11
N PHE D 124 -14.02 10.38 3.73
CA PHE D 124 -14.14 9.04 3.22
C PHE D 124 -13.44 8.89 1.89
N GLU D 125 -13.31 9.96 1.13
CA GLU D 125 -12.58 9.90 -0.07
C GLU D 125 -11.07 9.66 0.18
N VAL D 126 -10.41 10.54 0.93
CA VAL D 126 -9.00 10.32 1.16
C VAL D 126 -8.73 8.98 1.87
N TRP D 127 -9.65 8.52 2.67
CA TRP D 127 -9.47 7.21 3.31
C TRP D 127 -9.50 6.03 2.31
N THR D 128 -10.54 6.02 1.49
CA THR D 128 -10.63 5.09 0.38
C THR D 128 -9.39 5.13 -0.49
N TRP D 129 -8.88 6.32 -0.80
CA TRP D 129 -7.65 6.43 -1.60
C TRP D 129 -6.46 5.80 -0.87
N GLN D 130 -6.38 6.03 0.44
CA GLN D 130 -5.28 5.45 1.23
C GLN D 130 -5.38 3.94 1.07
N GLN D 131 -6.59 3.40 1.22
CA GLN D 131 -6.81 1.98 1.04
C GLN D 131 -6.49 1.44 -0.37
N LEU D 132 -6.76 2.22 -1.39
CA LEU D 132 -6.39 1.83 -2.73
C LEU D 132 -4.89 2.12 -2.96
N GLY D 133 -4.15 2.61 -1.97
CA GLY D 133 -2.73 2.97 -2.21
C GLY D 133 -2.44 4.12 -3.18
N ILE D 134 -3.45 4.93 -3.50
CA ILE D 134 -3.24 6.13 -4.30
C ILE D 134 -2.39 7.17 -3.58
N HIS D 135 -2.38 7.15 -2.24
CA HIS D 135 -1.42 7.94 -1.41
C HIS D 135 -1.11 7.16 -0.14
N GLN D 136 -0.10 7.57 0.59
CA GLN D 136 0.26 6.84 1.78
C GLN D 136 0.41 7.76 2.99
N LYS D 137 -0.54 8.68 3.07
CA LYS D 137 -0.53 9.74 4.06
C LYS D 137 -1.49 9.44 5.19
N PRO D 138 -1.14 9.85 6.39
CA PRO D 138 -1.97 9.62 7.54
C PRO D 138 -3.34 10.35 7.47
N VAL D 139 -4.40 9.70 7.99
CA VAL D 139 -5.73 10.23 8.00
C VAL D 139 -6.24 10.18 9.42
N ALA D 140 -6.76 11.30 9.89
CA ALA D 140 -7.09 11.47 11.33
C ALA D 140 -8.44 12.14 11.56
N LEU D 141 -9.17 11.67 12.56
CA LEU D 141 -10.36 12.34 13.09
C LEU D 141 -10.02 13.16 14.33
N TYR D 142 -10.26 14.46 14.28
CA TYR D 142 -10.10 15.33 15.45
C TYR D 142 -11.46 15.46 16.06
N ASP D 143 -11.62 14.89 17.26
CA ASP D 143 -12.94 14.75 17.89
C ASP D 143 -13.17 15.92 18.85
N VAL D 144 -14.39 16.40 18.87
CA VAL D 144 -14.82 17.40 19.82
C VAL D 144 -16.22 17.00 20.31
N ASP D 145 -16.40 16.95 21.63
CA ASP D 145 -17.68 16.52 22.22
C ASP D 145 -18.12 15.21 21.64
N GLY D 146 -17.15 14.33 21.37
CA GLY D 146 -17.51 13.04 20.74
C GLY D 146 -18.36 13.11 19.46
N PHE D 147 -18.08 14.14 18.66
CA PHE D 147 -18.72 14.31 17.36
C PHE D 147 -18.60 13.06 16.47
N TRP D 148 -17.44 12.42 16.58
CA TRP D 148 -17.10 11.32 15.67
C TRP D 148 -17.58 9.93 16.13
N GLN D 149 -18.10 9.84 17.36
CA GLN D 149 -18.36 8.54 17.96
C GLN D 149 -19.40 7.71 17.23
N PRO D 150 -20.50 8.34 16.80
CA PRO D 150 -21.50 7.53 16.13
C PRO D 150 -21.03 7.06 14.78
N LEU D 151 -20.18 7.83 14.12
CA LEU D 151 -19.57 7.37 12.90
C LEU D 151 -18.61 6.22 13.18
N LEU D 152 -17.79 6.36 14.23
CA LEU D 152 -16.95 5.28 14.66
C LEU D 152 -17.79 4.04 14.90
N GLU D 153 -18.94 4.16 15.50
CA GLU D 153 -19.75 2.97 15.61
C GLU D 153 -20.22 2.40 14.25
N MET D 154 -20.66 3.26 13.32
CA MET D 154 -21.05 2.79 11.96
C MET D 154 -19.93 2.00 11.32
N LEU D 155 -18.72 2.51 11.42
CA LEU D 155 -17.57 1.85 10.81
C LEU D 155 -17.23 0.54 11.50
N GLU D 156 -17.44 0.46 12.82
CA GLU D 156 -17.33 -0.80 13.51
C GLU D 156 -18.37 -1.79 12.98
N GLN D 157 -19.63 -1.40 12.81
CA GLN D 157 -20.58 -2.35 12.24
C GLN D 157 -20.07 -2.82 10.90
N MET D 158 -19.59 -1.88 10.12
CA MET D 158 -19.25 -2.16 8.74
C MET D 158 -18.12 -3.15 8.69
N THR D 159 -17.15 -2.94 9.57
CA THR D 159 -16.05 -3.86 9.67
C THR D 159 -16.55 -5.25 10.09
N GLN D 160 -17.33 -5.33 11.16
CA GLN D 160 -17.85 -6.59 11.66
C GLN D 160 -18.76 -7.26 10.67
N ARG D 161 -19.43 -6.52 9.80
CA ARG D 161 -20.17 -7.20 8.75
C ARG D 161 -19.29 -7.49 7.48
N GLY D 162 -17.99 -7.25 7.58
CA GLY D 162 -17.04 -7.56 6.49
C GLY D 162 -17.11 -6.71 5.23
N PHE D 163 -17.38 -5.42 5.39
CA PHE D 163 -17.28 -4.49 4.30
C PHE D 163 -16.05 -3.64 4.37
N ILE D 164 -15.37 -3.65 5.50
CA ILE D 164 -14.09 -2.94 5.69
C ILE D 164 -13.12 -3.85 6.46
N LYS D 165 -11.90 -3.99 6.00
CA LYS D 165 -10.87 -4.70 6.75
C LYS D 165 -10.54 -4.04 8.10
N ARG D 166 -10.60 -4.82 9.19
CA ARG D 166 -10.22 -4.37 10.54
C ARG D 166 -8.93 -3.55 10.41
N ASP D 167 -8.02 -3.98 9.56
CA ASP D 167 -6.74 -3.32 9.46
C ASP D 167 -6.84 -1.86 9.08
N PHE D 168 -7.72 -1.51 8.16
CA PHE D 168 -7.87 -0.11 7.76
C PHE D 168 -8.51 0.82 8.81
N PHE D 169 -9.53 0.29 9.45
CA PHE D 169 -10.15 0.99 10.55
C PHE D 169 -9.18 1.19 11.68
N GLU D 170 -8.35 0.21 11.96
CA GLU D 170 -7.44 0.29 13.08
C GLU D 170 -6.38 1.35 12.88
N CYS D 171 -6.04 1.67 11.65
CA CYS D 171 -4.89 2.52 11.41
C CYS D 171 -5.39 3.96 11.31
N LEU D 172 -6.69 4.10 11.30
CA LEU D 172 -7.34 5.39 11.48
C LEU D 172 -7.02 6.07 12.83
N ILE D 173 -6.67 7.32 12.76
CA ILE D 173 -6.25 8.04 13.91
C ILE D 173 -7.42 8.78 14.50
N VAL D 174 -7.51 8.77 15.83
CA VAL D 174 -8.55 9.50 16.48
C VAL D 174 -8.10 10.12 17.77
N GLU D 175 -8.25 11.43 17.88
CA GLU D 175 -7.79 12.10 19.07
C GLU D 175 -8.63 13.31 19.31
N SER D 176 -8.80 13.68 20.59
CA SER D 176 -9.32 15.02 20.95
C SER D 176 -8.26 15.97 21.45
N ASP D 177 -7.08 15.48 21.70
CA ASP D 177 -5.95 16.32 22.06
C ASP D 177 -5.10 16.64 20.82
N PRO D 178 -4.93 17.91 20.51
CA PRO D 178 -4.14 18.25 19.36
C PRO D 178 -2.66 17.82 19.43
N HIS D 179 -2.01 17.85 20.59
CA HIS D 179 -0.62 17.38 20.68
C HIS D 179 -0.63 15.90 20.29
N ALA D 180 -1.55 15.15 20.89
CA ALA D 180 -1.70 13.72 20.59
C ALA D 180 -1.95 13.46 19.10
N LEU D 181 -2.97 14.12 18.56
CA LEU D 181 -3.33 13.97 17.17
C LEU D 181 -2.14 14.14 16.31
N LEU D 182 -1.44 15.26 16.45
CA LEU D 182 -0.31 15.55 15.54
C LEU D 182 0.87 14.62 15.71
N LYS D 183 1.20 14.28 16.96
CA LYS D 183 2.24 13.28 17.21
C LYS D 183 1.87 11.95 16.51
N ALA D 184 0.65 11.47 16.71
CA ALA D 184 0.23 10.27 16.03
C ALA D 184 0.39 10.39 14.53
N MET D 185 0.11 11.55 13.97
CA MET D 185 0.29 11.75 12.52
C MET D 185 1.75 11.69 12.03
N GLN D 186 2.67 12.23 12.84
CA GLN D 186 4.07 12.32 12.42
C GLN D 186 4.77 10.97 12.48
N THR D 187 4.36 10.12 13.43
CA THR D 187 4.93 8.79 13.55
C THR D 187 4.07 7.68 12.92
N TRP D 188 3.13 8.03 12.09
CA TRP D 188 2.28 7.04 11.52
C TRP D 188 2.99 6.46 10.32
N THR D 189 2.79 5.18 10.07
CA THR D 189 3.23 4.59 8.80
C THR D 189 2.07 3.74 8.35
N PRO D 190 1.98 3.47 7.04
CA PRO D 190 0.83 2.68 6.62
C PRO D 190 1.00 1.22 6.95
N PRO D 191 -0.11 0.55 7.26
CA PRO D 191 0.00 -0.85 7.62
C PRO D 191 0.65 -1.57 6.44
N ALA D 192 1.42 -2.60 6.70
CA ALA D 192 2.04 -3.33 5.60
C ALA D 192 0.95 -4.08 4.84
N PRO D 193 0.87 -3.91 3.52
CA PRO D 193 0.00 -4.74 2.70
C PRO D 193 0.19 -6.22 2.84
N LYS D 194 1.39 -6.61 3.22
CA LYS D 194 1.76 -8.01 3.21
C LYS D 194 0.94 -8.80 4.19
N TRP D 195 0.48 -8.18 5.26
CA TRP D 195 -0.21 -8.92 6.32
C TRP D 195 -1.66 -8.48 6.57
N LEU D 196 -2.31 -7.96 5.53
CA LEU D 196 -3.69 -7.44 5.66
C LEU D 196 -4.77 -8.52 5.96
N GLU D 197 -5.57 -8.33 7.03
CA GLU D 197 -6.66 -9.27 7.41
C GLU D 197 -8.05 -8.80 6.98
P PO4 E . 8.63 -13.83 4.57
O1 PO4 E . 8.41 -13.13 3.20
O2 PO4 E . 7.33 -14.30 5.15
O3 PO4 E . 9.58 -14.98 4.37
O4 PO4 E . 9.31 -12.91 5.55
C1 GOL F . 13.59 -13.84 10.90
O1 GOL F . 13.03 -14.49 11.98
C2 GOL F . 12.49 -13.91 9.88
O2 GOL F . 13.10 -14.52 8.75
C3 GOL F . 11.96 -12.52 9.53
O3 GOL F . 13.01 -11.60 9.32
C1 GOL G . 9.48 -10.03 8.47
O1 GOL G . 10.14 -9.91 9.73
C2 GOL G . 10.43 -9.55 7.38
O2 GOL G . 11.16 -8.41 7.87
C3 GOL G . 9.61 -9.21 6.14
O3 GOL G . 8.65 -10.25 6.00
C1 GOL H . 2.45 -14.84 20.95
O1 GOL H . 2.94 -16.18 20.74
C2 GOL H . 3.05 -14.31 22.22
O2 GOL H . 2.59 -15.16 23.25
C3 GOL H . 2.59 -12.89 22.50
O3 GOL H . 3.65 -11.99 22.23
C1 GOL I . 30.65 -3.72 6.76
O1 GOL I . 29.74 -4.72 7.25
C2 GOL I . 30.24 -3.40 5.32
O2 GOL I . 28.92 -4.00 5.16
C3 GOL I . 31.29 -3.87 4.27
O3 GOL I . 31.83 -2.83 3.43
P PO4 J . -16.59 -0.44 -0.90
O1 PO4 J . -16.35 0.27 -2.23
O2 PO4 J . -16.55 -1.97 -0.96
O3 PO4 J . -17.98 -0.04 -0.40
O4 PO4 J . -15.50 0.08 0.01
C1 GOL K . -18.67 1.31 -6.27
O1 GOL K . -18.30 1.87 -7.52
C2 GOL K . -20.18 1.47 -6.18
O2 GOL K . -20.58 1.32 -4.83
C3 GOL K . -20.88 0.44 -7.04
O3 GOL K . -21.34 1.11 -8.18
C1 GOL L . -14.29 0.68 -4.23
O1 GOL L . -13.54 1.39 -3.25
C2 GOL L . -13.90 1.20 -5.62
O2 GOL L . -14.31 2.58 -5.77
C3 GOL L . -14.52 0.34 -6.73
O3 GOL L . -15.94 0.32 -6.60
#